data_3P3X
#
_entry.id   3P3X
#
_cell.length_a   129.330
_cell.length_b   131.780
_cell.length_c   53.230
_cell.angle_alpha   90.00
_cell.angle_beta   90.00
_cell.angle_gamma   90.00
#
_symmetry.space_group_name_H-M   'P 21 21 2'
#
loop_
_entity.id
_entity.type
_entity.pdbx_description
1 polymer 'Cytochrome P450'
2 non-polymer 'PROTOPORPHYRIN IX CONTAINING FE'
3 non-polymer GLYCEROL
4 non-polymer 'SULFATE ION'
5 non-polymer 'CHLORIDE ION'
6 water water
#
_entity_poly.entity_id   1
_entity_poly.type   'polypeptide(L)'
_entity_poly.pdbx_seq_one_letter_code
;ISEFDSEGSNMSTTAHTEPSWADLPFLDFTDPNFSWDSPEVAEAREKSWIARTPLALLVLRYAEADQLARDKRLISGFRG
LVDMVGTPEGPVRDFMVDFLQSLDGADHRRLRGLATHPFTPRRITAVQPFVRSTVEQLIDKLPQGDFDFVQHFPHPLPAL
VMCQLLGFPLEDYDTVGRLSIETNLGLALSNDQDILVKVEQGLGRMFDYLVAAIEKRKVEPGDDLTSDIVRAFHDGVLDD
YELRTLVATVLVAGYETTNHQLALAMYDFAQHPDQWMKIKENPELAPQAVEEVLRWSPTLPVTATRVAAEDFEVNGVRIP
TGTPVFMCAHVAHRDPRVFADADRFDITVKREAPSIAFGGGPHFCLGTALARLELTEAVAALATRLDPPQIAGEITWRHE
LGVAGPDALPLRFGAA
;
_entity_poly.pdbx_strand_id   A,B
#
# COMPACT_ATOMS: atom_id res chain seq x y z
N GLU A 18 30.09 -28.95 13.14
CA GLU A 18 29.10 -28.76 14.23
C GLU A 18 28.28 -30.01 14.55
N PRO A 19 28.16 -30.36 15.84
CA PRO A 19 27.38 -31.52 16.28
C PRO A 19 25.86 -31.37 16.07
N SER A 20 25.36 -30.13 16.12
CA SER A 20 23.93 -29.87 15.92
C SER A 20 23.54 -29.99 14.44
N TRP A 21 24.54 -30.20 13.60
CA TRP A 21 24.35 -30.35 12.16
C TRP A 21 24.24 -31.81 11.74
N ALA A 22 24.47 -32.72 12.69
CA ALA A 22 24.54 -34.17 12.41
C ALA A 22 23.28 -34.73 11.75
N ASP A 23 22.13 -34.45 12.35
CA ASP A 23 20.85 -35.04 11.91
C ASP A 23 20.19 -34.29 10.74
N LEU A 24 20.88 -33.29 10.20
CA LEU A 24 20.34 -32.50 9.10
C LEU A 24 20.41 -33.27 7.77
N PRO A 25 19.34 -33.18 6.96
CA PRO A 25 19.30 -33.81 5.64
C PRO A 25 20.28 -33.17 4.66
N PHE A 26 20.94 -33.99 3.86
CA PHE A 26 21.92 -33.51 2.90
C PHE A 26 21.32 -33.36 1.52
N LEU A 27 21.53 -32.19 0.93
CA LEU A 27 21.09 -31.91 -0.43
C LEU A 27 22.22 -31.24 -1.19
N ASP A 28 22.36 -31.57 -2.46
CA ASP A 28 23.35 -30.92 -3.30
C ASP A 28 22.69 -30.38 -4.57
N PHE A 29 22.35 -29.09 -4.54
CA PHE A 29 21.63 -28.47 -5.66
C PHE A 29 22.54 -28.03 -6.80
N THR A 30 23.84 -28.33 -6.68
CA THR A 30 24.81 -28.06 -7.73
C THR A 30 25.01 -29.30 -8.63
N ASP A 31 24.40 -30.41 -8.21
CA ASP A 31 24.41 -31.65 -8.97
C ASP A 31 23.54 -31.50 -10.22
N PRO A 32 24.12 -31.74 -11.42
CA PRO A 32 23.36 -31.72 -12.67
C PRO A 32 22.19 -32.71 -12.72
N ASN A 33 22.18 -33.68 -11.80
CA ASN A 33 21.07 -34.63 -11.70
C ASN A 33 19.96 -34.17 -10.74
N PHE A 34 20.27 -33.16 -9.93
CA PHE A 34 19.37 -32.67 -8.88
C PHE A 34 18.11 -32.01 -9.44
N SER A 35 16.98 -32.28 -8.78
CA SER A 35 15.72 -31.62 -9.08
C SER A 35 15.08 -31.06 -7.80
N TRP A 36 14.47 -29.89 -7.90
CA TRP A 36 13.81 -29.25 -6.76
C TRP A 36 12.52 -29.95 -6.36
N ASP A 37 11.97 -30.75 -7.28
CA ASP A 37 10.70 -31.44 -7.05
C ASP A 37 10.86 -32.95 -6.88
N SER A 38 12.11 -33.40 -6.70
CA SER A 38 12.40 -34.79 -6.37
C SER A 38 11.89 -35.14 -4.97
N PRO A 39 11.48 -36.41 -4.75
CA PRO A 39 10.91 -36.83 -3.47
C PRO A 39 11.82 -36.63 -2.26
N GLU A 40 13.13 -36.67 -2.49
CA GLU A 40 14.11 -36.49 -1.40
C GLU A 40 14.12 -35.06 -0.87
N VAL A 41 13.74 -34.11 -1.73
CA VAL A 41 13.63 -32.71 -1.33
C VAL A 41 12.41 -32.52 -0.41
N ALA A 42 11.27 -33.06 -0.81
CA ALA A 42 10.06 -33.03 0.00
C ALA A 42 10.29 -33.73 1.34
N GLU A 43 10.97 -34.87 1.29
CA GLU A 43 11.29 -35.65 2.49
C GLU A 43 12.19 -34.85 3.43
N ALA A 44 13.13 -34.09 2.87
CA ALA A 44 14.03 -33.25 3.64
C ALA A 44 13.27 -32.13 4.38
N ARG A 45 12.35 -31.48 3.67
CA ARG A 45 11.52 -30.42 4.26
C ARG A 45 10.64 -30.94 5.40
N GLU A 46 10.03 -32.10 5.18
CA GLU A 46 9.22 -32.75 6.22
C GLU A 46 10.07 -33.04 7.47
N LYS A 47 11.28 -33.55 7.24
CA LYS A 47 12.20 -33.92 8.31
C LYS A 47 12.76 -32.70 9.06
N SER A 48 13.14 -31.66 8.32
CA SER A 48 13.85 -30.53 8.90
C SER A 48 13.54 -29.19 8.21
N TRP A 49 13.61 -28.12 9.00
CA TRP A 49 13.42 -26.76 8.49
C TRP A 49 14.65 -26.28 7.72
N ILE A 50 15.78 -26.95 7.94
CA ILE A 50 17.05 -26.57 7.34
C ILE A 50 17.84 -27.79 6.88
N ALA A 51 18.43 -27.69 5.69
CA ALA A 51 19.23 -28.75 5.11
C ALA A 51 20.69 -28.35 5.00
N ARG A 52 21.56 -29.35 4.92
CA ARG A 52 22.99 -29.13 4.75
C ARG A 52 23.37 -29.31 3.29
N THR A 53 24.12 -28.35 2.75
CA THR A 53 24.64 -28.42 1.38
C THR A 53 26.13 -28.05 1.39
N PRO A 54 26.86 -28.36 0.29
CA PRO A 54 28.28 -28.00 0.23
C PRO A 54 28.56 -26.50 0.36
N LEU A 55 27.64 -25.67 -0.11
CA LEU A 55 27.85 -24.23 -0.15
C LEU A 55 27.25 -23.48 1.04
N ALA A 56 26.23 -24.08 1.67
CA ALA A 56 25.47 -23.38 2.69
C ALA A 56 24.46 -24.27 3.39
N LEU A 57 23.93 -23.77 4.50
CA LEU A 57 22.72 -24.31 5.07
C LEU A 57 21.55 -23.78 4.26
N LEU A 58 20.64 -24.67 3.88
CA LEU A 58 19.51 -24.32 3.03
C LEU A 58 18.20 -24.39 3.80
N VAL A 59 17.56 -23.24 3.98
CA VAL A 59 16.29 -23.15 4.69
C VAL A 59 15.16 -23.62 3.77
N LEU A 60 14.42 -24.64 4.21
CA LEU A 60 13.46 -25.34 3.36
C LEU A 60 11.99 -24.95 3.58
N ARG A 61 11.68 -24.48 4.79
CA ARG A 61 10.29 -24.18 5.14
C ARG A 61 10.00 -22.69 4.99
N TYR A 62 8.71 -22.35 4.85
CA TYR A 62 8.28 -20.98 4.58
C TYR A 62 8.54 -20.03 5.75
N ALA A 63 8.03 -20.38 6.93
CA ALA A 63 8.13 -19.53 8.11
C ALA A 63 9.55 -19.00 8.30
N GLU A 64 10.50 -19.94 8.39
CA GLU A 64 11.90 -19.61 8.65
C GLU A 64 12.56 -18.87 7.48
N ALA A 65 12.20 -19.25 6.26
CA ALA A 65 12.77 -18.63 5.04
C ALA A 65 12.39 -17.16 4.91
N ASP A 66 11.16 -16.84 5.29
CA ASP A 66 10.67 -15.47 5.28
C ASP A 66 11.38 -14.63 6.33
N GLN A 67 11.40 -15.14 7.57
CA GLN A 67 11.91 -14.41 8.73
C GLN A 67 13.43 -14.21 8.74
N LEU A 68 14.16 -15.20 8.23
CA LEU A 68 15.62 -15.14 8.24
C LEU A 68 16.19 -14.20 7.19
N ALA A 69 15.45 -14.00 6.10
CA ALA A 69 15.85 -13.08 5.03
C ALA A 69 15.94 -11.62 5.49
N ARG A 70 15.31 -11.32 6.62
CA ARG A 70 15.34 -9.97 7.19
C ARG A 70 15.94 -9.92 8.60
N ASP A 71 16.35 -11.08 9.11
CA ASP A 71 16.98 -11.15 10.43
C ASP A 71 18.32 -10.41 10.42
N LYS A 72 18.47 -9.45 11.34
CA LYS A 72 19.65 -8.59 11.41
C LYS A 72 20.95 -9.31 11.75
N ARG A 73 20.85 -10.53 12.27
CA ARG A 73 22.01 -11.35 12.59
C ARG A 73 22.66 -11.94 11.34
N LEU A 74 21.97 -11.83 10.20
CA LEU A 74 22.51 -12.28 8.92
C LEU A 74 22.74 -11.11 7.96
N ILE A 75 23.95 -11.05 7.40
CA ILE A 75 24.32 -10.07 6.38
C ILE A 75 24.41 -10.76 5.01
N SER A 76 24.72 -10.00 3.97
CA SER A 76 24.77 -10.53 2.60
C SER A 76 25.79 -11.67 2.45
N GLY A 77 25.36 -12.73 1.77
CA GLY A 77 26.18 -13.92 1.61
C GLY A 77 26.89 -14.05 0.27
N PHE A 78 26.69 -13.07 -0.62
CA PHE A 78 27.20 -13.19 -1.98
C PHE A 78 28.73 -13.16 -2.09
N ARG A 79 29.37 -12.27 -1.33
CA ARG A 79 30.83 -12.25 -1.24
C ARG A 79 31.37 -13.61 -0.81
N GLY A 80 30.75 -14.21 0.21
CA GLY A 80 31.10 -15.53 0.70
C GLY A 80 30.99 -16.61 -0.37
N LEU A 81 29.94 -16.52 -1.19
CA LEU A 81 29.73 -17.44 -2.30
C LEU A 81 30.87 -17.33 -3.32
N VAL A 82 31.11 -16.09 -3.78
CA VAL A 82 32.15 -15.78 -4.75
C VAL A 82 33.51 -16.36 -4.37
N ASP A 83 33.91 -16.18 -3.10
CA ASP A 83 35.15 -16.76 -2.59
C ASP A 83 35.09 -18.29 -2.49
N MET A 84 33.93 -18.80 -2.10
CA MET A 84 33.74 -20.23 -1.86
C MET A 84 33.84 -21.08 -3.13
N VAL A 85 33.39 -20.52 -4.25
CA VAL A 85 33.49 -21.18 -5.56
C VAL A 85 34.84 -20.91 -6.24
N GLY A 86 35.63 -20.02 -5.64
CA GLY A 86 36.99 -19.75 -6.09
C GLY A 86 37.08 -18.94 -7.38
N THR A 87 36.19 -17.97 -7.54
CA THR A 87 36.23 -17.05 -8.66
C THR A 87 37.56 -16.29 -8.67
N PRO A 88 38.35 -16.43 -9.76
CA PRO A 88 39.67 -15.78 -9.83
C PRO A 88 39.58 -14.25 -9.95
N GLU A 89 40.67 -13.57 -9.64
CA GLU A 89 40.70 -12.10 -9.66
C GLU A 89 40.51 -11.52 -11.04
N GLY A 90 39.80 -10.41 -11.10
CA GLY A 90 39.50 -9.73 -12.36
C GLY A 90 38.25 -8.87 -12.28
N PRO A 91 37.91 -8.18 -13.39
CA PRO A 91 36.76 -7.27 -13.46
C PRO A 91 35.42 -7.93 -13.13
N VAL A 92 35.28 -9.22 -13.48
CA VAL A 92 34.06 -9.97 -13.16
C VAL A 92 33.90 -10.18 -11.65
N ARG A 93 35.00 -10.58 -10.99
CA ARG A 93 35.01 -10.75 -9.55
C ARG A 93 34.77 -9.43 -8.82
N ASP A 94 35.42 -8.36 -9.31
CA ASP A 94 35.25 -7.02 -8.75
C ASP A 94 33.79 -6.59 -8.75
N PHE A 95 33.09 -6.92 -9.84
CA PHE A 95 31.67 -6.62 -9.99
C PHE A 95 30.81 -7.42 -9.00
N MET A 96 31.10 -8.71 -8.88
CA MET A 96 30.35 -9.60 -7.99
C MET A 96 30.56 -9.34 -6.51
N VAL A 97 31.72 -8.77 -6.14
CA VAL A 97 31.98 -8.44 -4.73
C VAL A 97 31.63 -7.01 -4.36
N ASP A 98 31.52 -6.14 -5.37
CA ASP A 98 31.26 -4.71 -5.14
C ASP A 98 29.82 -4.28 -5.36
N PHE A 99 29.10 -4.99 -6.23
CA PHE A 99 27.73 -4.61 -6.56
C PHE A 99 26.76 -4.68 -5.37
N LEU A 100 25.61 -4.02 -5.52
CA LEU A 100 24.67 -3.77 -4.42
C LEU A 100 24.39 -4.98 -3.52
N GLN A 101 24.24 -6.15 -4.13
CA GLN A 101 23.79 -7.37 -3.45
C GLN A 101 24.84 -7.94 -2.50
N SER A 102 26.10 -7.54 -2.67
CA SER A 102 27.18 -7.94 -1.77
C SER A 102 27.41 -6.95 -0.61
N LEU A 103 26.77 -5.79 -0.67
CA LEU A 103 27.03 -4.73 0.30
C LEU A 103 26.06 -4.72 1.48
N ASP A 104 26.50 -4.21 2.62
CA ASP A 104 25.66 -4.09 3.81
C ASP A 104 25.87 -2.75 4.53
N GLY A 105 24.92 -2.39 5.38
CA GLY A 105 25.03 -1.19 6.21
C GLY A 105 24.94 0.12 5.46
N ALA A 106 25.81 1.06 5.81
CA ALA A 106 25.81 2.41 5.24
C ALA A 106 26.02 2.44 3.74
N ASP A 107 27.04 1.72 3.26
CA ASP A 107 27.32 1.62 1.83
C ASP A 107 26.13 1.08 1.04
N HIS A 108 25.47 0.06 1.59
CA HIS A 108 24.30 -0.53 0.95
C HIS A 108 23.12 0.43 0.90
N ARG A 109 22.79 1.04 2.03
CA ARG A 109 21.69 2.00 2.11
C ARG A 109 21.92 3.20 1.20
N ARG A 110 23.16 3.67 1.16
CA ARG A 110 23.56 4.79 0.32
C ARG A 110 23.32 4.51 -1.16
N LEU A 111 23.86 3.40 -1.66
CA LEU A 111 23.72 3.06 -3.09
C LEU A 111 22.28 2.71 -3.47
N ARG A 112 21.64 1.85 -2.67
CA ARG A 112 20.26 1.44 -2.92
C ARG A 112 19.31 2.64 -2.99
N GLY A 113 19.51 3.60 -2.08
CA GLY A 113 18.70 4.80 -2.01
C GLY A 113 18.67 5.65 -3.27
N LEU A 114 19.81 5.74 -3.96
CA LEU A 114 19.93 6.56 -5.19
C LEU A 114 19.20 5.94 -6.38
N ALA A 115 18.86 4.66 -6.27
CA ALA A 115 18.20 3.94 -7.34
C ALA A 115 16.76 3.54 -7.00
N THR A 116 16.24 4.07 -5.89
CA THR A 116 14.93 3.67 -5.37
C THR A 116 13.74 4.33 -6.08
N HIS A 117 13.87 5.61 -6.41
CA HIS A 117 12.75 6.45 -6.82
C HIS A 117 11.85 5.94 -7.97
N PRO A 118 12.44 5.41 -9.05
CA PRO A 118 11.59 4.88 -10.13
C PRO A 118 10.84 3.61 -9.75
N PHE A 119 11.22 3.00 -8.62
CA PHE A 119 10.65 1.74 -8.16
C PHE A 119 9.64 1.92 -7.04
N THR A 120 9.51 3.15 -6.54
CA THR A 120 8.48 3.49 -5.57
C THR A 120 7.13 3.16 -6.21
N PRO A 121 6.27 2.39 -5.48
CA PRO A 121 5.00 1.93 -6.03
C PRO A 121 4.02 3.01 -6.49
N ARG A 122 4.48 4.27 -6.52
CA ARG A 122 3.71 5.35 -7.15
C ARG A 122 4.24 5.62 -8.56
N ARG A 123 5.57 5.56 -8.72
CA ARG A 123 6.23 5.75 -10.00
C ARG A 123 6.06 4.51 -10.89
N ILE A 124 5.75 3.38 -10.25
CA ILE A 124 5.37 2.14 -10.93
C ILE A 124 4.03 2.32 -11.65
N THR A 125 3.11 3.05 -11.00
CA THR A 125 1.81 3.38 -11.59
C THR A 125 1.98 4.31 -12.80
N ALA A 126 2.99 5.18 -12.73
CA ALA A 126 3.30 6.10 -13.83
C ALA A 126 3.86 5.38 -15.06
N VAL A 127 4.47 4.21 -14.84
CA VAL A 127 5.03 3.43 -15.94
C VAL A 127 4.05 2.36 -16.47
N GLN A 128 2.96 2.16 -15.73
CA GLN A 128 1.93 1.15 -16.06
C GLN A 128 1.37 1.27 -17.48
N PRO A 129 1.00 2.50 -17.93
CA PRO A 129 0.52 2.66 -19.31
C PRO A 129 1.55 2.26 -20.38
N PHE A 130 2.83 2.52 -20.11
CA PHE A 130 3.91 2.11 -21.01
C PHE A 130 4.03 0.59 -21.07
N VAL A 131 3.99 -0.05 -19.90
CA VAL A 131 4.07 -1.50 -19.81
C VAL A 131 2.91 -2.17 -20.56
N ARG A 132 1.70 -1.64 -20.36
CA ARG A 132 0.51 -2.16 -21.02
C ARG A 132 0.60 -2.10 -22.54
N SER A 133 0.92 -0.91 -23.07
CA SER A 133 0.96 -0.70 -24.51
C SER A 133 2.11 -1.46 -25.18
N THR A 134 3.23 -1.56 -24.48
CA THR A 134 4.36 -2.38 -24.95
C THR A 134 3.95 -3.85 -25.07
N VAL A 135 3.32 -4.38 -24.03
CA VAL A 135 2.75 -5.73 -24.06
C VAL A 135 1.78 -5.87 -25.23
N GLU A 136 0.89 -4.88 -25.37
CA GLU A 136 -0.11 -4.87 -26.43
C GLU A 136 0.55 -4.90 -27.81
N GLN A 137 1.57 -4.06 -28.00
CA GLN A 137 2.34 -4.04 -29.25
C GLN A 137 3.06 -5.36 -29.52
N LEU A 138 3.65 -5.93 -28.47
CA LEU A 138 4.36 -7.19 -28.59
C LEU A 138 3.46 -8.35 -28.99
N ILE A 139 2.23 -8.35 -28.47
CA ILE A 139 1.24 -9.36 -28.85
C ILE A 139 0.81 -9.22 -30.31
N ASP A 140 0.77 -7.98 -30.80
CA ASP A 140 0.45 -7.70 -32.21
C ASP A 140 1.47 -8.32 -33.16
N LYS A 141 2.73 -8.29 -32.76
CA LYS A 141 3.85 -8.72 -33.60
C LYS A 141 4.27 -10.17 -33.40
N LEU A 142 3.45 -10.94 -32.67
CA LEU A 142 3.71 -12.36 -32.47
C LEU A 142 3.51 -13.17 -33.75
N PRO A 143 4.39 -14.16 -34.00
CA PRO A 143 4.27 -15.05 -35.15
C PRO A 143 3.01 -15.91 -35.08
N GLN A 144 2.53 -16.37 -36.23
CA GLN A 144 1.27 -17.13 -36.31
C GLN A 144 1.44 -18.63 -36.03
N GLY A 145 2.67 -19.12 -36.18
CA GLY A 145 2.93 -20.56 -36.01
C GLY A 145 3.68 -20.90 -34.73
N ASP A 146 4.61 -21.84 -34.85
CA ASP A 146 5.49 -22.20 -33.75
C ASP A 146 6.63 -21.20 -33.68
N PHE A 147 6.84 -20.65 -32.49
CA PHE A 147 7.89 -19.64 -32.27
C PHE A 147 8.44 -19.67 -30.85
N ASP A 148 9.68 -19.21 -30.71
CA ASP A 148 10.33 -19.06 -29.40
C ASP A 148 9.74 -17.87 -28.65
N PHE A 149 9.04 -18.16 -27.56
CA PHE A 149 8.41 -17.13 -26.72
C PHE A 149 9.43 -16.18 -26.08
N VAL A 150 10.63 -16.68 -25.82
CA VAL A 150 11.69 -15.85 -25.24
C VAL A 150 12.11 -14.75 -26.22
N GLN A 151 12.49 -15.13 -27.44
CA GLN A 151 12.88 -14.17 -28.46
C GLN A 151 11.78 -13.17 -28.82
N HIS A 152 10.53 -13.62 -28.78
CA HIS A 152 9.40 -12.81 -29.26
C HIS A 152 8.60 -12.09 -28.18
N PHE A 153 8.80 -12.44 -26.91
CA PHE A 153 8.08 -11.76 -25.82
C PHE A 153 8.89 -11.61 -24.53
N PRO A 154 9.35 -12.74 -23.98
CA PRO A 154 10.04 -12.74 -22.68
C PRO A 154 11.33 -11.93 -22.68
N HIS A 155 12.01 -11.88 -23.84
CA HIS A 155 13.20 -11.04 -24.00
C HIS A 155 12.86 -9.56 -24.26
N PRO A 156 12.01 -9.28 -25.29
CA PRO A 156 11.72 -7.87 -25.60
C PRO A 156 11.05 -7.06 -24.48
N LEU A 157 10.08 -7.66 -23.77
CA LEU A 157 9.33 -6.93 -22.74
C LEU A 157 10.18 -6.32 -21.62
N PRO A 158 10.97 -7.14 -20.89
CA PRO A 158 11.81 -6.54 -19.85
C PRO A 158 12.95 -5.68 -20.40
N ALA A 159 13.40 -5.99 -21.61
CA ALA A 159 14.43 -5.19 -22.28
C ALA A 159 13.95 -3.77 -22.56
N LEU A 160 12.75 -3.66 -23.14
CA LEU A 160 12.13 -2.36 -23.42
C LEU A 160 11.81 -1.59 -22.14
N VAL A 161 11.40 -2.31 -21.10
CA VAL A 161 11.13 -1.69 -19.80
C VAL A 161 12.41 -1.13 -19.18
N MET A 162 13.50 -1.90 -19.26
CA MET A 162 14.79 -1.46 -18.74
C MET A 162 15.32 -0.23 -19.48
N CYS A 163 15.14 -0.21 -20.79
CA CYS A 163 15.53 0.94 -21.63
C CYS A 163 14.76 2.20 -21.24
N GLN A 164 13.46 2.06 -20.97
CA GLN A 164 12.61 3.18 -20.57
C GLN A 164 13.02 3.71 -19.19
N LEU A 165 13.33 2.78 -18.28
CA LEU A 165 13.77 3.14 -16.93
C LEU A 165 15.15 3.77 -16.90
N LEU A 166 16.10 3.18 -17.62
CA LEU A 166 17.48 3.62 -17.61
C LEU A 166 17.79 4.70 -18.65
N GLY A 167 16.81 5.02 -19.50
CA GLY A 167 16.92 6.14 -20.42
C GLY A 167 17.61 5.84 -21.73
N PHE A 168 17.74 4.55 -22.05
CA PHE A 168 18.33 4.15 -23.32
C PHE A 168 17.29 4.28 -24.43
N PRO A 169 17.75 4.54 -25.67
CA PRO A 169 16.84 4.49 -26.82
C PRO A 169 16.10 3.15 -26.86
N LEU A 170 14.79 3.20 -27.13
CA LEU A 170 13.97 1.99 -27.14
C LEU A 170 14.32 1.04 -28.30
N GLU A 171 14.87 1.61 -29.37
CA GLU A 171 15.34 0.83 -30.52
C GLU A 171 16.55 -0.05 -30.17
N ASP A 172 17.21 0.26 -29.07
CA ASP A 172 18.38 -0.48 -28.59
C ASP A 172 18.01 -1.70 -27.74
N TYR A 173 16.71 -1.96 -27.58
CA TYR A 173 16.21 -3.01 -26.67
C TYR A 173 16.84 -4.40 -26.89
N ASP A 174 17.07 -4.75 -28.15
CA ASP A 174 17.66 -6.05 -28.47
C ASP A 174 19.14 -6.09 -28.10
N THR A 175 19.86 -5.01 -28.42
CA THR A 175 21.27 -4.86 -28.05
C THR A 175 21.43 -4.91 -26.53
N VAL A 176 20.64 -4.11 -25.82
CA VAL A 176 20.70 -4.03 -24.35
C VAL A 176 20.41 -5.38 -23.68
N GLY A 177 19.42 -6.10 -24.23
CA GLY A 177 19.09 -7.44 -23.74
C GLY A 177 20.23 -8.42 -23.97
N ARG A 178 20.75 -8.45 -25.19
CA ARG A 178 21.85 -9.34 -25.56
C ARG A 178 23.12 -9.08 -24.77
N LEU A 179 23.40 -7.81 -24.47
CA LEU A 179 24.52 -7.44 -23.61
C LEU A 179 24.49 -8.21 -22.29
N SER A 180 23.32 -8.24 -21.65
CA SER A 180 23.11 -9.01 -20.42
C SER A 180 23.22 -10.52 -20.64
N ILE A 181 22.75 -11.00 -21.80
CA ILE A 181 22.81 -12.42 -22.16
C ILE A 181 24.27 -12.89 -22.30
N GLU A 182 25.09 -12.04 -22.91
CA GLU A 182 26.51 -12.34 -23.12
C GLU A 182 27.38 -12.19 -21.86
N THR A 183 26.78 -11.68 -20.78
CA THR A 183 27.46 -11.62 -19.48
C THR A 183 26.72 -12.41 -18.41
N ASN A 184 26.83 -13.74 -18.52
CA ASN A 184 26.22 -14.67 -17.58
C ASN A 184 27.05 -14.78 -16.30
N LEU A 185 26.65 -14.04 -15.27
CA LEU A 185 27.38 -14.01 -14.00
C LEU A 185 27.38 -15.36 -13.28
N GLY A 186 26.29 -16.11 -13.44
CA GLY A 186 26.18 -17.46 -12.89
C GLY A 186 27.31 -18.38 -13.34
N LEU A 187 27.70 -18.27 -14.60
CA LEU A 187 28.81 -19.05 -15.16
C LEU A 187 30.15 -18.71 -14.51
N ALA A 188 30.28 -17.48 -14.03
CA ALA A 188 31.51 -16.99 -13.41
C ALA A 188 31.66 -17.37 -11.95
N LEU A 189 30.60 -17.89 -11.34
CA LEU A 189 30.66 -18.42 -9.97
C LEU A 189 31.35 -19.79 -10.01
N SER A 190 32.62 -19.76 -10.40
CA SER A 190 33.40 -20.95 -10.73
C SER A 190 34.88 -20.59 -10.77
N ASN A 191 35.74 -21.60 -10.69
CA ASN A 191 37.19 -21.40 -10.76
C ASN A 191 37.77 -21.62 -12.15
N ASP A 192 36.90 -21.96 -13.11
CA ASP A 192 37.31 -22.25 -14.48
C ASP A 192 37.73 -20.98 -15.21
N GLN A 193 38.94 -21.01 -15.77
CA GLN A 193 39.54 -19.86 -16.44
C GLN A 193 38.92 -19.62 -17.82
N ASP A 194 38.60 -20.71 -18.52
CA ASP A 194 38.15 -20.66 -19.91
C ASP A 194 36.73 -20.11 -20.10
N ILE A 195 35.83 -20.52 -19.22
CA ILE A 195 34.45 -20.03 -19.21
C ILE A 195 34.41 -18.57 -18.74
N LEU A 196 35.38 -18.21 -17.90
CA LEU A 196 35.49 -16.85 -17.34
C LEU A 196 35.83 -15.80 -18.39
N VAL A 197 36.63 -16.19 -19.39
CA VAL A 197 37.01 -15.28 -20.48
C VAL A 197 35.78 -14.69 -21.18
N LYS A 198 34.78 -15.53 -21.45
CA LYS A 198 33.56 -15.10 -22.11
C LYS A 198 32.72 -14.18 -21.22
N VAL A 199 32.63 -14.50 -19.93
CA VAL A 199 31.91 -13.66 -18.97
C VAL A 199 32.56 -12.27 -18.87
N GLU A 200 33.88 -12.26 -18.78
CA GLU A 200 34.64 -11.01 -18.71
C GLU A 200 34.49 -10.16 -19.98
N GLN A 201 34.48 -10.84 -21.14
CA GLN A 201 34.27 -10.18 -22.42
C GLN A 201 32.89 -9.55 -22.49
N GLY A 202 31.89 -10.26 -21.97
CA GLY A 202 30.52 -9.77 -21.89
C GLY A 202 30.40 -8.55 -20.99
N LEU A 203 31.01 -8.63 -19.80
CA LEU A 203 31.01 -7.53 -18.83
C LEU A 203 31.55 -6.24 -19.45
N GLY A 204 32.71 -6.35 -20.10
CA GLY A 204 33.38 -5.23 -20.75
C GLY A 204 32.52 -4.56 -21.82
N ARG A 205 31.94 -5.38 -22.69
CA ARG A 205 31.01 -4.88 -23.73
C ARG A 205 29.82 -4.14 -23.15
N MET A 206 29.26 -4.67 -22.06
CA MET A 206 28.13 -4.04 -21.38
C MET A 206 28.53 -2.70 -20.75
N PHE A 207 29.71 -2.67 -20.15
CA PHE A 207 30.23 -1.42 -19.59
C PHE A 207 30.47 -0.37 -20.68
N ASP A 208 30.96 -0.81 -21.84
CA ASP A 208 31.17 0.08 -22.99
C ASP A 208 29.89 0.82 -23.35
N TYR A 209 28.78 0.08 -23.43
CA TYR A 209 27.48 0.66 -23.72
C TYR A 209 26.99 1.57 -22.60
N LEU A 210 27.13 1.09 -21.37
CA LEU A 210 26.68 1.83 -20.18
C LEU A 210 27.45 3.13 -19.95
N VAL A 211 28.78 3.06 -20.06
CA VAL A 211 29.65 4.23 -19.87
C VAL A 211 29.35 5.34 -20.90
N ALA A 212 29.19 4.95 -22.16
CA ALA A 212 28.83 5.89 -23.23
C ALA A 212 27.52 6.61 -22.93
N ALA A 213 26.53 5.86 -22.47
CA ALA A 213 25.24 6.42 -22.07
C ALA A 213 25.36 7.29 -20.82
N ILE A 214 26.22 6.86 -19.88
CA ILE A 214 26.49 7.62 -18.66
C ILE A 214 27.15 8.97 -18.96
N GLU A 215 28.08 8.99 -19.91
CA GLU A 215 28.77 10.22 -20.29
C GLU A 215 27.83 11.21 -20.98
N LYS A 216 26.89 10.69 -21.76
CA LYS A 216 25.83 11.51 -22.37
C LYS A 216 24.99 12.21 -21.32
N ARG A 217 24.61 11.48 -20.26
CA ARG A 217 23.78 12.01 -19.19
C ARG A 217 24.55 12.93 -18.25
N LYS A 218 25.88 12.81 -18.24
CA LYS A 218 26.74 13.72 -17.49
C LYS A 218 26.67 15.14 -18.05
N VAL A 219 26.55 15.23 -19.37
CA VAL A 219 26.39 16.52 -20.06
C VAL A 219 24.94 17.01 -19.94
N GLU A 220 23.99 16.17 -20.35
CA GLU A 220 22.56 16.51 -20.31
C GLU A 220 21.78 15.48 -19.50
N PRO A 221 21.48 15.78 -18.22
CA PRO A 221 20.66 14.89 -17.40
C PRO A 221 19.17 14.92 -17.79
N GLY A 222 18.53 13.75 -17.71
CA GLY A 222 17.11 13.59 -18.03
C GLY A 222 16.28 13.13 -16.84
N ASP A 223 15.16 12.48 -17.13
CA ASP A 223 14.23 12.02 -16.10
C ASP A 223 14.44 10.56 -15.70
N ASP A 224 15.39 9.91 -16.39
CA ASP A 224 15.63 8.48 -16.24
C ASP A 224 16.49 8.12 -15.03
N LEU A 225 16.65 6.82 -14.79
CA LEU A 225 17.42 6.31 -13.68
C LEU A 225 18.93 6.52 -13.85
N THR A 226 19.43 6.39 -15.08
CA THR A 226 20.83 6.67 -15.37
C THR A 226 21.17 8.13 -15.01
N SER A 227 20.28 9.04 -15.41
CA SER A 227 20.38 10.46 -15.06
C SER A 227 20.27 10.70 -13.56
N ASP A 228 19.42 9.93 -12.89
CA ASP A 228 19.24 10.03 -11.44
C ASP A 228 20.56 9.74 -10.73
N ILE A 229 21.22 8.66 -11.15
CA ILE A 229 22.48 8.22 -10.54
C ILE A 229 23.63 9.16 -10.94
N VAL A 230 23.56 9.71 -12.16
CA VAL A 230 24.49 10.74 -12.62
C VAL A 230 24.37 12.02 -11.77
N ARG A 231 23.15 12.34 -11.34
CA ARG A 231 22.91 13.48 -10.44
C ARG A 231 23.55 13.31 -9.07
N ALA A 232 23.47 12.08 -8.55
CA ALA A 232 24.08 11.73 -7.28
C ALA A 232 25.61 11.79 -7.37
N PHE A 233 26.13 11.48 -8.55
CA PHE A 233 27.56 11.58 -8.83
C PHE A 233 28.01 13.04 -8.79
N HIS A 234 27.21 13.92 -9.39
CA HIS A 234 27.49 15.35 -9.40
C HIS A 234 27.34 16.00 -8.02
N ASP A 235 26.63 15.32 -7.12
CA ASP A 235 26.46 15.78 -5.74
C ASP A 235 27.45 15.08 -4.80
N GLY A 236 28.33 14.26 -5.37
CA GLY A 236 29.39 13.57 -4.62
C GLY A 236 28.92 12.57 -3.59
N VAL A 237 27.88 11.81 -3.92
CA VAL A 237 27.33 10.78 -3.03
C VAL A 237 27.94 9.41 -3.37
N LEU A 238 28.32 9.23 -4.63
CA LEU A 238 29.04 8.03 -5.05
C LEU A 238 30.13 8.38 -6.07
N ASP A 239 31.18 7.56 -6.15
CA ASP A 239 32.25 7.78 -7.13
C ASP A 239 31.90 7.21 -8.51
N ASP A 240 32.78 7.41 -9.48
CA ASP A 240 32.51 7.03 -10.87
C ASP A 240 32.38 5.51 -11.07
N TYR A 241 33.21 4.76 -10.36
CA TYR A 241 33.16 3.28 -10.39
C TYR A 241 31.85 2.76 -9.84
N GLU A 242 31.41 3.32 -8.72
CA GLU A 242 30.13 2.98 -8.09
C GLU A 242 28.94 3.31 -8.98
N LEU A 243 29.06 4.39 -9.75
CA LEU A 243 28.01 4.83 -10.67
C LEU A 243 27.68 3.75 -11.69
N ARG A 244 28.68 3.37 -12.49
CA ARG A 244 28.49 2.41 -13.58
C ARG A 244 28.17 1.00 -13.10
N THR A 245 28.72 0.61 -11.95
CA THR A 245 28.40 -0.68 -11.33
C THR A 245 26.92 -0.73 -10.96
N LEU A 246 26.42 0.34 -10.34
CA LEU A 246 25.02 0.44 -9.94
C LEU A 246 24.06 0.43 -11.13
N VAL A 247 24.47 1.03 -12.24
CA VAL A 247 23.69 0.99 -13.48
C VAL A 247 23.70 -0.44 -14.06
N ALA A 248 24.85 -1.10 -13.96
CA ALA A 248 25.00 -2.48 -14.40
C ALA A 248 24.20 -3.44 -13.51
N THR A 249 24.20 -3.17 -12.20
CA THR A 249 23.48 -3.99 -11.23
C THR A 249 21.98 -4.00 -11.52
N VAL A 250 21.44 -2.81 -11.77
CA VAL A 250 20.00 -2.63 -12.04
C VAL A 250 19.57 -3.34 -13.33
N LEU A 251 20.34 -3.16 -14.41
CA LEU A 251 20.03 -3.81 -15.69
C LEU A 251 19.97 -5.33 -15.60
N VAL A 252 21.05 -5.95 -15.10
CA VAL A 252 21.13 -7.41 -14.98
C VAL A 252 20.00 -7.96 -14.10
N ALA A 253 19.86 -7.40 -12.90
CA ALA A 253 18.82 -7.81 -11.95
C ALA A 253 17.41 -7.65 -12.51
N GLY A 254 17.22 -6.64 -13.37
CA GLY A 254 15.93 -6.33 -13.96
C GLY A 254 15.59 -7.09 -15.23
N TYR A 255 16.60 -7.57 -15.95
CA TYR A 255 16.37 -8.23 -17.22
C TYR A 255 16.25 -9.75 -17.10
N GLU A 256 17.28 -10.37 -16.54
CA GLU A 256 17.40 -11.83 -16.51
C GLU A 256 16.23 -12.52 -15.81
N THR A 257 15.94 -12.11 -14.58
CA THR A 257 14.86 -12.68 -13.78
C THR A 257 13.50 -12.53 -14.48
N THR A 258 13.16 -11.31 -14.84
CA THR A 258 11.87 -10.99 -15.47
C THR A 258 11.65 -11.78 -16.76
N ASN A 259 12.71 -11.86 -17.58
CA ASN A 259 12.71 -12.68 -18.79
C ASN A 259 12.36 -14.13 -18.50
N HIS A 260 13.15 -14.76 -17.64
CA HIS A 260 12.97 -16.17 -17.31
C HIS A 260 11.66 -16.48 -16.59
N GLN A 261 11.23 -15.56 -15.71
CA GLN A 261 9.95 -15.72 -15.00
C GLN A 261 8.75 -15.70 -15.94
N LEU A 262 8.80 -14.84 -16.96
CA LEU A 262 7.76 -14.76 -17.99
C LEU A 262 7.66 -16.04 -18.80
N ALA A 263 8.82 -16.61 -19.14
CA ALA A 263 8.89 -17.88 -19.85
C ALA A 263 8.37 -19.02 -18.99
N LEU A 264 8.63 -18.95 -17.68
CA LEU A 264 8.14 -19.95 -16.73
C LEU A 264 6.63 -19.86 -16.55
N ALA A 265 6.08 -18.66 -16.69
CA ALA A 265 4.64 -18.44 -16.68
C ALA A 265 3.94 -19.22 -17.80
N MET A 266 4.49 -19.13 -19.01
CA MET A 266 3.94 -19.83 -20.16
C MET A 266 4.06 -21.34 -20.03
N TYR A 267 5.17 -21.77 -19.44
CA TYR A 267 5.42 -23.18 -19.16
C TYR A 267 4.35 -23.76 -18.23
N ASP A 268 4.05 -23.04 -17.15
CA ASP A 268 3.03 -23.46 -16.19
C ASP A 268 1.65 -23.56 -16.82
N PHE A 269 1.29 -22.55 -17.60
CA PHE A 269 -0.03 -22.50 -18.23
C PHE A 269 -0.18 -23.44 -19.41
N ALA A 270 0.95 -23.85 -20.00
CA ALA A 270 0.96 -24.89 -21.03
C ALA A 270 0.65 -26.26 -20.41
N GLN A 271 1.03 -26.43 -19.16
CA GLN A 271 0.74 -27.64 -18.40
C GLN A 271 -0.68 -27.66 -17.86
N HIS A 272 -1.21 -26.48 -17.57
CA HIS A 272 -2.57 -26.34 -17.01
C HIS A 272 -3.40 -25.36 -17.85
N PRO A 273 -3.82 -25.79 -19.06
CA PRO A 273 -4.49 -24.91 -20.03
C PRO A 273 -5.90 -24.48 -19.66
N ASP A 274 -6.51 -25.17 -18.69
CA ASP A 274 -7.87 -24.84 -18.23
C ASP A 274 -7.90 -23.56 -17.39
N GLN A 275 -6.81 -23.29 -16.67
CA GLN A 275 -6.72 -22.13 -15.78
C GLN A 275 -6.39 -20.84 -16.55
N TRP A 276 -5.74 -21.02 -17.70
CA TRP A 276 -5.53 -19.94 -18.66
C TRP A 276 -6.89 -19.42 -19.13
N MET A 277 -7.81 -20.34 -19.37
CA MET A 277 -9.18 -20.03 -19.78
C MET A 277 -9.98 -19.32 -18.68
N LYS A 278 -9.62 -19.57 -17.43
CA LYS A 278 -10.24 -18.88 -16.30
C LYS A 278 -9.86 -17.41 -16.28
N ILE A 279 -8.62 -17.12 -16.66
CA ILE A 279 -8.15 -15.74 -16.78
C ILE A 279 -8.78 -15.02 -17.98
N LYS A 280 -8.97 -15.76 -19.08
CA LYS A 280 -9.61 -15.20 -20.28
C LYS A 280 -11.00 -14.68 -19.96
N GLU A 281 -11.76 -15.48 -19.22
CA GLU A 281 -13.13 -15.14 -18.83
C GLU A 281 -13.16 -14.01 -17.78
N ASN A 282 -12.27 -14.08 -16.81
CA ASN A 282 -12.16 -13.05 -15.77
C ASN A 282 -10.73 -12.54 -15.63
N PRO A 283 -10.37 -11.48 -16.40
CA PRO A 283 -9.03 -10.90 -16.42
C PRO A 283 -8.52 -10.41 -15.05
N GLU A 284 -9.44 -10.17 -14.13
CA GLU A 284 -9.10 -9.71 -12.78
C GLU A 284 -8.45 -10.82 -11.93
N LEU A 285 -8.36 -12.03 -12.49
CA LEU A 285 -7.65 -13.13 -11.84
C LEU A 285 -6.14 -13.08 -12.04
N ALA A 286 -5.68 -12.24 -12.97
CA ALA A 286 -4.27 -12.13 -13.34
C ALA A 286 -3.30 -11.79 -12.19
N PRO A 287 -3.70 -10.89 -11.27
CA PRO A 287 -2.81 -10.61 -10.11
C PRO A 287 -2.47 -11.85 -9.27
N GLN A 288 -3.46 -12.64 -8.89
CA GLN A 288 -3.17 -13.85 -8.10
C GLN A 288 -2.66 -15.01 -8.97
N ALA A 289 -2.89 -14.94 -10.28
CA ALA A 289 -2.30 -15.89 -11.22
C ALA A 289 -0.78 -15.73 -11.24
N VAL A 290 -0.32 -14.49 -11.34
CA VAL A 290 1.09 -14.14 -11.26
C VAL A 290 1.73 -14.65 -9.97
N GLU A 291 1.03 -14.45 -8.84
CA GLU A 291 1.48 -14.93 -7.55
C GLU A 291 1.65 -16.45 -7.51
N GLU A 292 0.74 -17.16 -8.17
CA GLU A 292 0.80 -18.62 -8.26
C GLU A 292 1.97 -19.07 -9.15
N VAL A 293 2.27 -18.28 -10.17
CA VAL A 293 3.45 -18.52 -11.02
C VAL A 293 4.72 -18.34 -10.19
N LEU A 294 4.76 -17.25 -9.42
CA LEU A 294 5.88 -16.98 -8.51
C LEU A 294 6.01 -18.03 -7.41
N ARG A 295 4.87 -18.58 -6.97
CA ARG A 295 4.88 -19.65 -5.97
C ARG A 295 5.35 -20.98 -6.57
N TRP A 296 4.72 -21.39 -7.67
CA TRP A 296 4.96 -22.71 -8.25
C TRP A 296 6.31 -22.82 -8.96
N SER A 297 6.71 -21.77 -9.67
CA SER A 297 7.99 -21.76 -10.35
C SER A 297 8.71 -20.40 -10.27
N PRO A 298 9.26 -20.08 -9.08
CA PRO A 298 10.03 -18.83 -8.92
C PRO A 298 11.36 -18.90 -9.66
N THR A 299 11.63 -17.92 -10.52
CA THR A 299 12.81 -17.93 -11.40
C THR A 299 14.13 -18.08 -10.63
N LEU A 300 14.13 -17.62 -9.37
CA LEU A 300 15.26 -17.82 -8.47
C LEU A 300 14.86 -18.82 -7.38
N PRO A 301 15.14 -20.13 -7.58
CA PRO A 301 14.79 -21.14 -6.58
C PRO A 301 15.40 -20.83 -5.21
N VAL A 302 16.66 -20.38 -5.20
CA VAL A 302 17.28 -19.85 -3.99
C VAL A 302 17.23 -18.32 -4.07
N THR A 303 16.58 -17.70 -3.11
CA THR A 303 16.30 -16.27 -3.17
C THR A 303 17.35 -15.42 -2.47
N ALA A 304 17.45 -15.55 -1.16
CA ALA A 304 18.35 -14.73 -0.36
C ALA A 304 19.54 -15.54 0.13
N THR A 305 20.74 -15.11 -0.27
CA THR A 305 21.98 -15.70 0.21
C THR A 305 22.51 -14.86 1.36
N ARG A 306 22.61 -15.45 2.55
CA ARG A 306 23.07 -14.73 3.74
C ARG A 306 24.23 -15.44 4.41
N VAL A 307 25.06 -14.66 5.11
CA VAL A 307 26.09 -15.20 5.99
C VAL A 307 25.82 -14.70 7.40
N ALA A 308 26.08 -15.55 8.39
CA ALA A 308 25.93 -15.20 9.80
C ALA A 308 26.95 -14.15 10.24
N ALA A 309 26.45 -13.05 10.80
CA ALA A 309 27.32 -11.97 11.29
C ALA A 309 27.73 -12.18 12.75
N GLU A 310 27.04 -13.09 13.43
CA GLU A 310 27.30 -13.41 14.84
C GLU A 310 26.78 -14.82 15.17
N ASP A 311 27.10 -15.30 16.37
CA ASP A 311 26.62 -16.61 16.84
C ASP A 311 25.18 -16.52 17.35
N PHE A 312 24.33 -17.43 16.86
CA PHE A 312 22.93 -17.53 17.33
C PHE A 312 22.34 -18.93 17.11
N GLU A 313 21.09 -19.11 17.53
CA GLU A 313 20.43 -20.41 17.49
C GLU A 313 18.97 -20.33 17.06
N VAL A 314 18.63 -21.05 15.99
CA VAL A 314 17.25 -21.17 15.53
C VAL A 314 16.82 -22.63 15.57
N ASN A 315 15.73 -22.91 16.30
CA ASN A 315 15.14 -24.25 16.41
C ASN A 315 16.15 -25.35 16.81
N GLY A 316 17.03 -25.04 17.76
CA GLY A 316 18.05 -25.99 18.21
C GLY A 316 19.34 -25.96 17.41
N VAL A 317 19.21 -25.87 16.09
CA VAL A 317 20.36 -25.79 15.19
C VAL A 317 21.08 -24.46 15.39
N ARG A 318 22.35 -24.52 15.77
CA ARG A 318 23.12 -23.32 16.05
C ARG A 318 24.00 -22.88 14.87
N ILE A 319 23.95 -21.58 14.58
CA ILE A 319 24.63 -21.01 13.43
C ILE A 319 25.78 -20.10 13.90
N PRO A 320 27.03 -20.59 13.82
CA PRO A 320 28.18 -19.78 14.24
C PRO A 320 28.52 -18.70 13.21
N THR A 321 29.27 -17.70 13.65
CA THR A 321 29.71 -16.60 12.79
C THR A 321 30.48 -17.15 11.59
N GLY A 322 30.01 -16.82 10.39
CA GLY A 322 30.65 -17.24 9.16
C GLY A 322 29.91 -18.33 8.39
N THR A 323 28.80 -18.80 8.94
CA THR A 323 28.01 -19.85 8.29
C THR A 323 27.05 -19.28 7.25
N PRO A 324 27.19 -19.73 5.98
CA PRO A 324 26.29 -19.31 4.91
C PRO A 324 24.90 -19.94 5.06
N VAL A 325 23.86 -19.11 4.93
CA VAL A 325 22.47 -19.56 5.03
C VAL A 325 21.69 -19.05 3.81
N PHE A 326 21.22 -19.98 2.99
CA PHE A 326 20.51 -19.66 1.75
C PHE A 326 19.02 -19.95 1.91
N MET A 327 18.17 -19.00 1.50
CA MET A 327 16.72 -19.18 1.55
C MET A 327 16.21 -19.86 0.29
N CYS A 328 15.63 -21.05 0.44
CA CYS A 328 15.13 -21.80 -0.70
C CYS A 328 13.66 -21.52 -0.94
N ALA A 329 13.38 -20.54 -1.79
CA ALA A 329 12.03 -20.12 -2.11
C ALA A 329 11.19 -21.20 -2.76
N HIS A 330 11.79 -21.98 -3.66
CA HIS A 330 11.07 -23.04 -4.37
C HIS A 330 10.47 -24.06 -3.41
N VAL A 331 11.29 -24.55 -2.48
CA VAL A 331 10.87 -25.58 -1.51
C VAL A 331 9.94 -25.00 -0.44
N ALA A 332 10.18 -23.74 -0.08
CA ALA A 332 9.35 -23.05 0.91
C ALA A 332 7.96 -22.73 0.37
N HIS A 333 7.86 -22.58 -0.95
CA HIS A 333 6.58 -22.36 -1.61
C HIS A 333 5.73 -23.63 -1.68
N ARG A 334 6.38 -24.79 -1.58
CA ARG A 334 5.69 -26.09 -1.59
C ARG A 334 5.45 -26.60 -0.17
N ASP A 335 5.60 -25.71 0.82
CA ASP A 335 5.42 -26.05 2.23
C ASP A 335 3.94 -26.15 2.55
N PRO A 336 3.47 -27.36 2.93
CA PRO A 336 2.04 -27.58 3.21
C PRO A 336 1.58 -27.00 4.55
N ARG A 337 2.53 -26.59 5.39
CA ARG A 337 2.22 -25.92 6.65
C ARG A 337 1.58 -24.54 6.40
N VAL A 338 1.86 -23.98 5.23
CA VAL A 338 1.44 -22.63 4.86
C VAL A 338 0.50 -22.61 3.66
N PHE A 339 0.76 -23.45 2.67
CA PHE A 339 -0.02 -23.45 1.43
C PHE A 339 -0.91 -24.69 1.29
N ALA A 340 -2.17 -24.45 0.93
CA ALA A 340 -3.14 -25.51 0.68
C ALA A 340 -2.80 -26.25 -0.62
N ASP A 341 -2.95 -27.57 -0.61
CA ASP A 341 -2.61 -28.43 -1.74
C ASP A 341 -1.35 -27.90 -2.44
N ALA A 342 -0.23 -27.97 -1.72
CA ALA A 342 1.00 -27.23 -2.03
C ALA A 342 1.66 -27.53 -3.38
N ASP A 343 1.51 -28.77 -3.86
CA ASP A 343 2.16 -29.19 -5.11
C ASP A 343 1.25 -29.12 -6.34
N ARG A 344 0.01 -28.68 -6.14
CA ARG A 344 -0.91 -28.46 -7.25
C ARG A 344 -0.88 -27.00 -7.67
N PHE A 345 -0.72 -26.77 -8.97
CA PHE A 345 -0.77 -25.42 -9.53
C PHE A 345 -2.22 -24.97 -9.62
N ASP A 346 -2.61 -24.00 -8.79
CA ASP A 346 -3.97 -23.47 -8.81
C ASP A 346 -4.06 -21.97 -8.52
N ILE A 347 -4.53 -21.22 -9.52
CA ILE A 347 -4.61 -19.75 -9.44
C ILE A 347 -5.80 -19.24 -8.63
N THR A 348 -6.82 -20.10 -8.45
CA THR A 348 -8.10 -19.68 -7.86
C THR A 348 -8.13 -19.68 -6.34
N VAL A 349 -7.26 -20.48 -5.71
CA VAL A 349 -7.21 -20.56 -4.25
C VAL A 349 -6.74 -19.22 -3.67
N LYS A 350 -7.50 -18.71 -2.69
CA LYS A 350 -7.10 -17.52 -1.96
C LYS A 350 -6.02 -17.90 -0.94
N ARG A 351 -4.85 -17.30 -1.11
CA ARG A 351 -3.70 -17.60 -0.27
C ARG A 351 -3.64 -16.64 0.91
N GLU A 352 -3.29 -17.15 2.08
CA GLU A 352 -3.13 -16.34 3.28
C GLU A 352 -1.77 -15.67 3.34
N ALA A 353 -0.76 -16.36 2.84
CA ALA A 353 0.61 -15.85 2.79
C ALA A 353 1.04 -15.64 1.34
N PRO A 354 1.86 -14.59 1.08
CA PRO A 354 2.32 -14.35 -0.27
C PRO A 354 3.48 -15.26 -0.66
N SER A 355 3.88 -15.22 -1.92
CA SER A 355 5.12 -15.86 -2.34
C SER A 355 6.28 -15.02 -1.81
N ILE A 356 7.44 -15.65 -1.62
CA ILE A 356 8.65 -14.95 -1.23
C ILE A 356 9.72 -15.08 -2.31
N ALA A 357 9.30 -14.86 -3.56
CA ALA A 357 10.18 -14.97 -4.72
C ALA A 357 11.15 -13.79 -4.83
N PHE A 358 10.93 -12.77 -3.98
CA PHE A 358 11.69 -11.52 -4.03
C PHE A 358 12.61 -11.33 -2.82
N GLY A 359 12.72 -12.34 -1.98
CA GLY A 359 13.58 -12.29 -0.81
C GLY A 359 13.01 -11.45 0.33
N GLY A 360 13.88 -10.76 1.06
CA GLY A 360 13.48 -9.97 2.21
C GLY A 360 14.60 -9.15 2.83
N GLY A 361 14.25 -8.32 3.80
CA GLY A 361 15.22 -7.45 4.47
C GLY A 361 15.60 -6.24 3.64
N PRO A 362 16.71 -5.56 4.02
CA PRO A 362 17.17 -4.38 3.28
C PRO A 362 17.56 -4.69 1.83
N HIS A 363 17.86 -5.96 1.54
CA HIS A 363 18.24 -6.39 0.19
C HIS A 363 17.04 -6.78 -0.68
N PHE A 364 15.85 -6.81 -0.07
CA PHE A 364 14.59 -7.11 -0.77
C PHE A 364 14.56 -6.50 -2.16
N CYS A 365 14.17 -7.31 -3.14
CA CYS A 365 14.17 -6.91 -4.55
C CYS A 365 13.68 -5.49 -4.77
N LEU A 366 14.54 -4.67 -5.37
CA LEU A 366 14.23 -3.27 -5.65
C LEU A 366 13.08 -3.17 -6.65
N GLY A 367 13.04 -4.10 -7.60
CA GLY A 367 12.02 -4.09 -8.64
C GLY A 367 10.83 -5.02 -8.43
N THR A 368 10.48 -5.29 -7.16
CA THR A 368 9.34 -6.17 -6.85
C THR A 368 8.05 -5.69 -7.52
N ALA A 369 7.64 -4.45 -7.21
CA ALA A 369 6.43 -3.87 -7.78
C ALA A 369 6.46 -3.85 -9.31
N LEU A 370 7.63 -3.54 -9.88
CA LEU A 370 7.81 -3.46 -11.33
C LEU A 370 7.70 -4.82 -11.98
N ALA A 371 8.40 -5.80 -11.43
CA ALA A 371 8.35 -7.18 -11.92
C ALA A 371 6.91 -7.70 -11.92
N ARG A 372 6.21 -7.48 -10.82
CA ARG A 372 4.80 -7.86 -10.69
C ARG A 372 3.91 -7.17 -11.72
N LEU A 373 4.25 -5.92 -12.06
CA LEU A 373 3.51 -5.18 -13.07
C LEU A 373 3.72 -5.78 -14.46
N GLU A 374 4.97 -6.13 -14.76
CA GLU A 374 5.31 -6.74 -16.04
C GLU A 374 4.63 -8.09 -16.22
N LEU A 375 4.67 -8.91 -15.18
CA LEU A 375 4.04 -10.23 -15.20
C LEU A 375 2.52 -10.12 -15.31
N THR A 376 1.92 -9.27 -14.48
CA THR A 376 0.47 -9.08 -14.47
C THR A 376 -0.08 -8.61 -15.81
N GLU A 377 0.48 -7.53 -16.34
CA GLU A 377 0.07 -6.98 -17.64
C GLU A 377 0.24 -7.98 -18.77
N ALA A 378 1.34 -8.73 -18.74
CA ALA A 378 1.61 -9.76 -19.75
C ALA A 378 0.58 -10.88 -19.70
N VAL A 379 0.36 -11.44 -18.51
CA VAL A 379 -0.55 -12.57 -18.33
C VAL A 379 -2.00 -12.18 -18.65
N ALA A 380 -2.42 -11.01 -18.17
CA ALA A 380 -3.76 -10.51 -18.45
C ALA A 380 -4.06 -10.40 -19.94
N ALA A 381 -3.14 -9.79 -20.68
CA ALA A 381 -3.31 -9.54 -22.10
C ALA A 381 -3.13 -10.79 -22.97
N LEU A 382 -2.15 -11.62 -22.61
CA LEU A 382 -1.93 -12.88 -23.34
C LEU A 382 -3.13 -13.83 -23.21
N ALA A 383 -3.70 -13.91 -22.00
CA ALA A 383 -4.86 -14.77 -21.76
C ALA A 383 -6.15 -14.22 -22.36
N THR A 384 -6.31 -12.90 -22.37
CA THR A 384 -7.48 -12.25 -22.97
C THR A 384 -7.51 -12.44 -24.49
N ARG A 385 -6.35 -12.24 -25.13
CA ARG A 385 -6.28 -12.19 -26.59
C ARG A 385 -5.98 -13.54 -27.25
N LEU A 386 -5.31 -14.44 -26.52
CA LEU A 386 -4.80 -15.67 -27.13
C LEU A 386 -5.32 -16.96 -26.49
N ASP A 387 -5.25 -18.04 -27.27
CA ASP A 387 -5.57 -19.38 -26.79
C ASP A 387 -4.46 -19.89 -25.87
N PRO A 388 -4.73 -20.96 -25.09
CA PRO A 388 -3.72 -21.51 -24.17
C PRO A 388 -2.42 -21.87 -24.87
N PRO A 389 -1.28 -21.59 -24.21
CA PRO A 389 0.03 -21.93 -24.77
C PRO A 389 0.24 -23.44 -24.84
N GLN A 390 0.87 -23.89 -25.93
CA GLN A 390 1.23 -25.29 -26.11
C GLN A 390 2.70 -25.39 -26.46
N ILE A 391 3.43 -26.24 -25.73
CA ILE A 391 4.85 -26.48 -25.99
C ILE A 391 5.00 -27.11 -27.37
N ALA A 392 5.86 -26.52 -28.20
CA ALA A 392 5.98 -26.90 -29.62
C ALA A 392 7.33 -27.52 -29.97
N GLY A 393 8.23 -27.62 -29.01
CA GLY A 393 9.55 -28.19 -29.24
C GLY A 393 10.39 -28.36 -28.00
N GLU A 394 11.67 -28.64 -28.19
CA GLU A 394 12.61 -28.83 -27.08
C GLU A 394 12.90 -27.52 -26.38
N ILE A 395 12.62 -27.49 -25.08
CA ILE A 395 12.89 -26.32 -24.26
C ILE A 395 14.35 -26.33 -23.84
N THR A 396 15.03 -25.20 -24.04
CA THR A 396 16.40 -25.03 -23.56
C THR A 396 16.35 -24.37 -22.19
N TRP A 397 16.86 -25.09 -21.18
CA TRP A 397 16.84 -24.63 -19.79
C TRP A 397 18.19 -24.06 -19.38
N ARG A 398 18.16 -23.08 -18.47
CA ARG A 398 19.39 -22.54 -17.89
C ARG A 398 19.86 -23.48 -16.78
N HIS A 399 21.14 -23.85 -16.83
CA HIS A 399 21.71 -24.84 -15.91
C HIS A 399 22.55 -24.23 -14.79
N GLU A 400 22.76 -22.92 -14.85
CA GLU A 400 23.66 -22.24 -13.91
C GLU A 400 23.01 -21.96 -12.55
N LEU A 401 23.84 -21.64 -11.57
CA LEU A 401 23.38 -21.17 -10.26
C LEU A 401 22.75 -19.79 -10.40
N GLY A 402 21.72 -19.54 -9.60
CA GLY A 402 20.99 -18.28 -9.66
C GLY A 402 19.69 -18.41 -10.41
N VAL A 403 19.57 -17.70 -11.52
CA VAL A 403 18.35 -17.65 -12.33
C VAL A 403 18.09 -18.99 -13.04
N ALA A 404 16.87 -19.50 -12.89
CA ALA A 404 16.45 -20.72 -13.55
C ALA A 404 15.29 -20.42 -14.50
N GLY A 405 15.12 -21.26 -15.51
CA GLY A 405 14.04 -21.11 -16.47
C GLY A 405 14.47 -21.33 -17.91
N PRO A 406 13.50 -21.29 -18.85
CA PRO A 406 13.80 -21.47 -20.26
C PRO A 406 14.59 -20.31 -20.86
N ASP A 407 15.71 -20.63 -21.50
CA ASP A 407 16.46 -19.66 -22.31
C ASP A 407 15.81 -19.56 -23.68
N ALA A 408 15.23 -20.68 -24.11
CA ALA A 408 14.48 -20.76 -25.36
C ALA A 408 13.26 -21.65 -25.12
N LEU A 409 12.09 -21.16 -25.53
CA LEU A 409 10.83 -21.85 -25.27
C LEU A 409 9.96 -21.92 -26.52
N PRO A 410 10.12 -23.00 -27.31
CA PRO A 410 9.29 -23.16 -28.51
C PRO A 410 7.85 -23.47 -28.12
N LEU A 411 6.94 -22.57 -28.49
CA LEU A 411 5.53 -22.77 -28.19
C LEU A 411 4.59 -22.22 -29.27
N ARG A 412 3.32 -22.57 -29.15
CA ARG A 412 2.27 -21.99 -29.97
C ARG A 412 1.09 -21.61 -29.07
N PHE A 413 0.32 -20.61 -29.50
CA PHE A 413 -0.96 -20.31 -28.87
C PHE A 413 -2.05 -20.94 -29.71
N GLY A 414 -2.28 -22.24 -29.47
CA GLY A 414 -3.12 -23.11 -30.30
C GLY A 414 -2.71 -23.12 -31.78
N HIS B 16 -12.55 30.71 -11.29
CA HIS B 16 -13.32 30.31 -12.50
C HIS B 16 -14.73 30.89 -12.51
N THR B 17 -15.16 31.32 -13.68
CA THR B 17 -16.50 31.90 -13.88
C THR B 17 -17.20 31.20 -15.06
N GLU B 18 -18.45 30.82 -14.84
CA GLU B 18 -19.26 30.17 -15.88
C GLU B 18 -20.56 30.94 -16.13
N PRO B 19 -20.99 31.01 -17.41
CA PRO B 19 -22.28 31.62 -17.75
C PRO B 19 -23.47 30.84 -17.19
N SER B 20 -23.22 29.61 -16.78
CA SER B 20 -24.26 28.72 -16.27
C SER B 20 -24.45 28.83 -14.76
N TRP B 21 -23.50 29.49 -14.09
CA TRP B 21 -23.55 29.63 -12.63
C TRP B 21 -24.10 30.99 -12.18
N ALA B 22 -24.51 31.81 -13.13
CA ALA B 22 -25.03 33.15 -12.85
C ALA B 22 -26.27 33.11 -11.95
N ASP B 23 -27.14 32.13 -12.16
CA ASP B 23 -28.37 31.98 -11.41
C ASP B 23 -28.17 31.25 -10.06
N LEU B 24 -27.03 30.58 -9.93
CA LEU B 24 -26.71 29.84 -8.71
C LEU B 24 -26.50 30.77 -7.50
N PRO B 25 -27.12 30.44 -6.36
CA PRO B 25 -26.98 31.23 -5.13
C PRO B 25 -25.57 31.18 -4.57
N PHE B 26 -25.10 32.31 -4.06
CA PHE B 26 -23.77 32.40 -3.45
C PHE B 26 -23.82 32.05 -1.98
N LEU B 27 -22.82 31.30 -1.52
CA LEU B 27 -22.65 30.98 -0.11
C LEU B 27 -21.16 30.95 0.24
N ASP B 28 -20.81 31.50 1.38
CA ASP B 28 -19.42 31.49 1.85
C ASP B 28 -19.37 30.91 3.26
N PHE B 29 -19.00 29.62 3.35
CA PHE B 29 -18.97 28.94 4.64
C PHE B 29 -17.72 29.20 5.49
N THR B 30 -16.78 29.98 4.96
CA THR B 30 -15.60 30.41 5.72
C THR B 30 -15.83 31.74 6.44
N ASP B 31 -17.01 32.32 6.26
CA ASP B 31 -17.38 33.56 6.95
C ASP B 31 -17.62 33.28 8.44
N PRO B 32 -17.10 34.16 9.32
CA PRO B 32 -17.31 34.01 10.77
C PRO B 32 -18.79 33.95 11.18
N ASN B 33 -19.64 34.68 10.46
CA ASN B 33 -21.07 34.76 10.77
C ASN B 33 -21.95 33.70 10.07
N PHE B 34 -21.31 32.85 9.27
CA PHE B 34 -22.02 31.78 8.54
C PHE B 34 -22.55 30.69 9.46
N SER B 35 -23.79 30.28 9.22
CA SER B 35 -24.42 29.18 9.95
C SER B 35 -25.08 28.22 8.96
N TRP B 36 -24.88 26.92 9.19
CA TRP B 36 -25.42 25.87 8.32
C TRP B 36 -26.96 25.78 8.35
N ASP B 37 -27.57 26.31 9.41
CA ASP B 37 -29.02 26.25 9.60
C ASP B 37 -29.70 27.62 9.41
N SER B 38 -29.00 28.56 8.78
CA SER B 38 -29.53 29.89 8.52
C SER B 38 -30.59 29.87 7.41
N PRO B 39 -31.55 30.82 7.45
CA PRO B 39 -32.55 30.97 6.39
C PRO B 39 -31.94 31.11 5.01
N GLU B 40 -30.78 31.77 4.93
CA GLU B 40 -30.03 31.98 3.68
C GLU B 40 -29.68 30.66 2.99
N VAL B 41 -29.20 29.70 3.77
CA VAL B 41 -28.80 28.40 3.26
C VAL B 41 -30.03 27.56 2.86
N ALA B 42 -31.07 27.59 3.68
CA ALA B 42 -32.33 26.90 3.39
C ALA B 42 -32.95 27.41 2.09
N GLU B 43 -32.94 28.73 1.92
CA GLU B 43 -33.44 29.35 0.70
C GLU B 43 -32.64 28.92 -0.53
N ALA B 44 -31.33 28.78 -0.36
CA ALA B 44 -30.45 28.32 -1.44
C ALA B 44 -30.78 26.89 -1.88
N ARG B 45 -31.01 26.00 -0.91
CA ARG B 45 -31.38 24.61 -1.20
C ARG B 45 -32.72 24.51 -1.93
N GLU B 46 -33.68 25.35 -1.53
CA GLU B 46 -34.96 25.41 -2.21
C GLU B 46 -34.80 25.92 -3.65
N LYS B 47 -33.96 26.94 -3.81
CA LYS B 47 -33.73 27.58 -5.10
C LYS B 47 -32.97 26.70 -6.08
N SER B 48 -31.96 25.99 -5.58
CA SER B 48 -31.06 25.22 -6.44
C SER B 48 -30.52 23.98 -5.75
N TRP B 49 -30.17 22.97 -6.55
CA TRP B 49 -29.53 21.77 -6.04
C TRP B 49 -28.06 22.01 -5.69
N ILE B 50 -27.54 23.14 -6.15
CA ILE B 50 -26.14 23.47 -6.02
C ILE B 50 -25.93 24.98 -5.80
N ALA B 51 -24.97 25.33 -4.95
CA ALA B 51 -24.61 26.72 -4.70
C ALA B 51 -23.21 27.03 -5.22
N ARG B 52 -22.89 28.32 -5.24
CA ARG B 52 -21.55 28.79 -5.59
C ARG B 52 -20.84 29.23 -4.31
N THR B 53 -19.64 28.70 -4.10
CA THR B 53 -18.78 29.14 -3.00
C THR B 53 -17.37 29.46 -3.55
N PRO B 54 -16.59 30.27 -2.80
CA PRO B 54 -15.22 30.61 -3.21
C PRO B 54 -14.27 29.42 -3.39
N LEU B 55 -14.55 28.32 -2.70
CA LEU B 55 -13.68 27.14 -2.74
C LEU B 55 -14.15 26.08 -3.73
N ALA B 56 -15.45 26.09 -4.04
CA ALA B 56 -16.05 25.04 -4.85
C ALA B 56 -17.53 25.28 -5.12
N LEU B 57 -18.09 24.49 -6.03
CA LEU B 57 -19.53 24.36 -6.12
C LEU B 57 -19.98 23.41 -5.01
N LEU B 58 -21.03 23.80 -4.29
CA LEU B 58 -21.50 23.07 -3.12
C LEU B 58 -22.88 22.47 -3.35
N VAL B 59 -22.95 21.14 -3.30
CA VAL B 59 -24.21 20.42 -3.51
C VAL B 59 -25.05 20.48 -2.24
N LEU B 60 -26.28 20.97 -2.38
CA LEU B 60 -27.14 21.25 -1.23
C LEU B 60 -28.23 20.21 -0.98
N ARG B 61 -28.63 19.51 -2.03
CA ARG B 61 -29.73 18.56 -1.94
C ARG B 61 -29.23 17.12 -1.75
N TYR B 62 -30.04 16.29 -1.10
CA TYR B 62 -29.67 14.92 -0.75
C TYR B 62 -29.38 14.03 -1.96
N ALA B 63 -30.30 13.99 -2.91
CA ALA B 63 -30.18 13.14 -4.09
C ALA B 63 -28.81 13.30 -4.78
N GLU B 64 -28.50 14.53 -5.19
CA GLU B 64 -27.26 14.83 -5.91
C GLU B 64 -26.01 14.72 -5.03
N ALA B 65 -26.15 14.96 -3.73
CA ALA B 65 -25.03 14.82 -2.79
C ALA B 65 -24.67 13.36 -2.61
N ASP B 66 -25.69 12.51 -2.59
CA ASP B 66 -25.52 11.07 -2.49
C ASP B 66 -24.88 10.52 -3.77
N GLN B 67 -25.41 10.92 -4.92
CA GLN B 67 -24.99 10.37 -6.21
C GLN B 67 -23.62 10.86 -6.70
N LEU B 68 -23.39 12.18 -6.63
CA LEU B 68 -22.15 12.77 -7.14
C LEU B 68 -20.90 12.37 -6.34
N ALA B 69 -21.09 12.01 -5.08
CA ALA B 69 -20.00 11.55 -4.21
C ALA B 69 -19.38 10.24 -4.70
N ARG B 70 -20.11 9.53 -5.55
CA ARG B 70 -19.63 8.25 -6.09
C ARG B 70 -19.60 8.20 -7.62
N ASP B 71 -19.94 9.33 -8.25
CA ASP B 71 -19.88 9.46 -9.71
C ASP B 71 -18.44 9.36 -10.19
N LYS B 72 -18.23 8.60 -11.26
CA LYS B 72 -16.89 8.28 -11.77
C LYS B 72 -16.21 9.43 -12.49
N ARG B 73 -17.00 10.45 -12.86
CA ARG B 73 -16.47 11.63 -13.53
C ARG B 73 -15.85 12.61 -12.53
N LEU B 74 -15.95 12.28 -11.24
CA LEU B 74 -15.36 13.08 -10.18
C LEU B 74 -14.33 12.28 -9.39
N ILE B 75 -13.11 12.81 -9.32
CA ILE B 75 -12.05 12.24 -8.49
C ILE B 75 -11.87 13.10 -7.24
N SER B 76 -10.95 12.72 -6.36
CA SER B 76 -10.76 13.43 -5.09
C SER B 76 -10.28 14.87 -5.27
N GLY B 77 -10.81 15.77 -4.45
CA GLY B 77 -10.54 17.19 -4.57
C GLY B 77 -9.70 17.80 -3.47
N PHE B 78 -9.12 16.96 -2.61
CA PHE B 78 -8.35 17.44 -1.47
C PHE B 78 -7.03 18.10 -1.89
N ARG B 79 -6.37 17.55 -2.91
CA ARG B 79 -5.14 18.14 -3.46
C ARG B 79 -5.41 19.52 -4.05
N GLY B 80 -6.57 19.67 -4.69
CA GLY B 80 -7.01 20.94 -5.25
C GLY B 80 -7.27 21.97 -4.18
N LEU B 81 -7.83 21.52 -3.05
CA LEU B 81 -8.09 22.38 -1.90
C LEU B 81 -6.78 22.94 -1.34
N VAL B 82 -5.84 22.05 -1.08
CA VAL B 82 -4.51 22.41 -0.55
C VAL B 82 -3.84 23.49 -1.41
N ASP B 83 -3.90 23.33 -2.73
CA ASP B 83 -3.31 24.30 -3.65
C ASP B 83 -4.10 25.59 -3.74
N MET B 84 -5.43 25.49 -3.61
CA MET B 84 -6.32 26.65 -3.68
C MET B 84 -6.18 27.59 -2.48
N VAL B 85 -5.96 27.01 -1.30
CA VAL B 85 -5.72 27.81 -0.09
C VAL B 85 -4.25 28.23 0.02
N GLY B 86 -3.41 27.63 -0.81
CA GLY B 86 -2.00 28.00 -0.92
C GLY B 86 -1.13 27.57 0.25
N THR B 87 -1.32 26.33 0.71
CA THR B 87 -0.53 25.77 1.79
C THR B 87 0.96 25.83 1.44
N PRO B 88 1.78 26.41 2.35
CA PRO B 88 3.23 26.46 2.15
C PRO B 88 3.82 25.06 2.12
N GLU B 89 4.85 24.88 1.30
CA GLU B 89 5.49 23.58 1.13
C GLU B 89 6.24 23.15 2.40
N GLY B 90 6.13 21.87 2.73
CA GLY B 90 6.73 21.31 3.93
C GLY B 90 6.13 19.94 4.26
N PRO B 91 6.47 19.39 5.44
CA PRO B 91 6.03 18.05 5.85
C PRO B 91 4.51 17.91 5.94
N VAL B 92 3.84 18.94 6.45
CA VAL B 92 2.38 18.93 6.61
C VAL B 92 1.67 18.89 5.25
N ARG B 93 2.12 19.73 4.31
CA ARG B 93 1.58 19.72 2.96
C ARG B 93 1.76 18.35 2.32
N ASP B 94 2.98 17.82 2.39
CA ASP B 94 3.30 16.51 1.83
C ASP B 94 2.33 15.44 2.32
N PHE B 95 2.12 15.38 3.63
CA PHE B 95 1.15 14.47 4.22
C PHE B 95 -0.24 14.70 3.65
N MET B 96 -0.60 15.97 3.49
CA MET B 96 -1.94 16.36 3.07
C MET B 96 -2.22 16.07 1.59
N VAL B 97 -1.16 16.02 0.77
CA VAL B 97 -1.31 15.70 -0.66
C VAL B 97 -1.04 14.23 -0.97
N ASP B 98 -0.41 13.52 -0.03
CA ASP B 98 -0.04 12.13 -0.24
C ASP B 98 -0.92 11.12 0.50
N PHE B 99 -1.63 11.56 1.54
CA PHE B 99 -2.46 10.65 2.33
C PHE B 99 -3.69 10.14 1.57
N LEU B 100 -4.31 9.07 2.10
CA LEU B 100 -5.33 8.30 1.39
C LEU B 100 -6.42 9.13 0.71
N GLN B 101 -6.89 10.17 1.38
CA GLN B 101 -8.01 10.99 0.91
C GLN B 101 -7.67 11.82 -0.34
N SER B 102 -6.39 12.00 -0.60
CA SER B 102 -5.93 12.78 -1.76
C SER B 102 -5.62 11.92 -2.99
N LEU B 103 -5.62 10.61 -2.80
CA LEU B 103 -5.23 9.70 -3.87
C LEU B 103 -6.44 9.13 -4.61
N ASP B 104 -6.22 8.80 -5.89
CA ASP B 104 -7.24 8.17 -6.72
C ASP B 104 -6.60 7.08 -7.57
N GLY B 105 -7.43 6.21 -8.12
CA GLY B 105 -6.95 5.16 -9.04
C GLY B 105 -6.24 4.02 -8.34
N ALA B 106 -5.25 3.46 -9.03
CA ALA B 106 -4.51 2.27 -8.58
C ALA B 106 -3.84 2.43 -7.21
N ASP B 107 -3.22 3.59 -6.98
CA ASP B 107 -2.52 3.86 -5.71
C ASP B 107 -3.49 3.88 -4.53
N HIS B 108 -4.65 4.50 -4.73
CA HIS B 108 -5.68 4.56 -3.69
C HIS B 108 -6.23 3.19 -3.33
N ARG B 109 -6.53 2.38 -4.36
CA ARG B 109 -7.01 1.01 -4.17
C ARG B 109 -5.99 0.17 -3.40
N ARG B 110 -4.73 0.35 -3.76
CA ARG B 110 -3.61 -0.36 -3.15
C ARG B 110 -3.48 -0.04 -1.65
N LEU B 111 -3.48 1.25 -1.31
CA LEU B 111 -3.27 1.67 0.07
C LEU B 111 -4.48 1.47 0.97
N ARG B 112 -5.67 1.80 0.47
CA ARG B 112 -6.91 1.59 1.20
C ARG B 112 -7.14 0.10 1.47
N GLY B 113 -6.88 -0.72 0.45
CA GLY B 113 -7.03 -2.17 0.54
C GLY B 113 -6.26 -2.79 1.70
N LEU B 114 -5.04 -2.30 1.93
CA LEU B 114 -4.18 -2.80 3.01
C LEU B 114 -4.72 -2.47 4.40
N ALA B 115 -5.46 -1.37 4.51
CA ALA B 115 -6.02 -0.93 5.78
C ALA B 115 -7.48 -1.35 5.99
N THR B 116 -8.02 -2.12 5.03
CA THR B 116 -9.46 -2.43 5.00
C THR B 116 -9.91 -3.41 6.09
N HIS B 117 -9.30 -4.59 6.13
CA HIS B 117 -9.80 -5.75 6.88
C HIS B 117 -10.29 -5.54 8.33
N PRO B 118 -9.54 -4.78 9.16
CA PRO B 118 -10.01 -4.56 10.53
C PRO B 118 -11.33 -3.79 10.64
N PHE B 119 -11.72 -3.14 9.54
CA PHE B 119 -12.90 -2.26 9.55
C PHE B 119 -14.11 -2.82 8.82
N THR B 120 -13.93 -3.94 8.10
CA THR B 120 -15.05 -4.62 7.46
C THR B 120 -16.09 -5.01 8.51
N PRO B 121 -17.38 -4.75 8.25
CA PRO B 121 -18.50 -5.11 9.14
C PRO B 121 -18.42 -6.53 9.72
N ARG B 122 -17.72 -7.42 9.02
CA ARG B 122 -17.49 -8.78 9.49
C ARG B 122 -16.55 -8.80 10.69
N ARG B 123 -15.48 -8.01 10.61
CA ARG B 123 -14.50 -7.90 11.71
C ARG B 123 -14.90 -6.88 12.77
N ILE B 124 -15.91 -6.06 12.45
CA ILE B 124 -16.50 -5.12 13.40
C ILE B 124 -17.31 -5.87 14.47
N THR B 125 -17.89 -7.00 14.07
CA THR B 125 -18.61 -7.89 14.98
C THR B 125 -17.69 -8.37 16.11
N ALA B 126 -16.44 -8.67 15.77
CA ALA B 126 -15.47 -9.21 16.73
C ALA B 126 -14.91 -8.17 17.69
N VAL B 127 -14.98 -6.89 17.31
CA VAL B 127 -14.49 -5.80 18.15
C VAL B 127 -15.60 -5.24 19.07
N GLN B 128 -16.82 -5.70 18.84
CA GLN B 128 -18.00 -5.32 19.64
C GLN B 128 -17.86 -5.51 21.16
N PRO B 129 -17.33 -6.67 21.62
CA PRO B 129 -17.18 -6.85 23.08
C PRO B 129 -16.20 -5.87 23.73
N PHE B 130 -15.17 -5.45 22.99
CA PHE B 130 -14.19 -4.49 23.51
C PHE B 130 -14.79 -3.11 23.70
N VAL B 131 -15.58 -2.67 22.72
CA VAL B 131 -16.22 -1.35 22.75
C VAL B 131 -17.20 -1.25 23.94
N ARG B 132 -18.04 -2.26 24.10
CA ARG B 132 -19.02 -2.31 25.19
C ARG B 132 -18.37 -2.19 26.58
N SER B 133 -17.35 -3.01 26.82
CA SER B 133 -16.65 -3.03 28.10
C SER B 133 -15.85 -1.74 28.35
N THR B 134 -15.32 -1.15 27.28
CA THR B 134 -14.63 0.13 27.36
C THR B 134 -15.62 1.25 27.71
N VAL B 135 -16.76 1.28 27.01
CA VAL B 135 -17.82 2.25 27.27
C VAL B 135 -18.32 2.14 28.71
N GLU B 136 -18.53 0.90 29.18
CA GLU B 136 -18.96 0.64 30.55
C GLU B 136 -17.97 1.16 31.58
N GLN B 137 -16.68 0.90 31.35
CA GLN B 137 -15.61 1.33 32.23
C GLN B 137 -15.49 2.85 32.33
N LEU B 138 -15.65 3.52 31.19
CA LEU B 138 -15.56 4.98 31.14
C LEU B 138 -16.69 5.68 31.90
N ILE B 139 -17.87 5.06 31.89
CA ILE B 139 -19.04 5.62 32.59
C ILE B 139 -18.86 5.58 34.11
N ASP B 140 -18.28 4.49 34.63
CA ASP B 140 -18.02 4.35 36.06
C ASP B 140 -17.05 5.42 36.57
N LYS B 141 -16.09 5.79 35.73
CA LYS B 141 -15.02 6.72 36.09
C LYS B 141 -15.40 8.19 35.90
N LEU B 142 -16.63 8.45 35.45
CA LEU B 142 -17.12 9.81 35.24
C LEU B 142 -17.26 10.58 36.55
N PRO B 143 -16.91 11.89 36.53
CA PRO B 143 -17.05 12.76 37.70
C PRO B 143 -18.52 12.99 38.08
N GLN B 144 -18.74 13.37 39.34
CA GLN B 144 -20.08 13.40 39.94
C GLN B 144 -20.94 14.60 39.51
N GLY B 145 -20.31 15.75 39.31
CA GLY B 145 -21.03 16.99 39.01
C GLY B 145 -20.87 17.47 37.58
N ASP B 146 -20.33 18.69 37.45
CA ASP B 146 -20.12 19.32 36.15
C ASP B 146 -18.70 19.03 35.66
N PHE B 147 -18.60 18.50 34.44
CA PHE B 147 -17.32 18.06 33.88
C PHE B 147 -17.28 18.14 32.34
N ASP B 148 -16.06 18.13 31.79
CA ASP B 148 -15.85 18.13 30.35
C ASP B 148 -16.09 16.73 29.75
N PHE B 149 -17.15 16.60 28.96
CA PHE B 149 -17.50 15.34 28.32
C PHE B 149 -16.43 14.87 27.33
N VAL B 150 -15.77 15.84 26.68
CA VAL B 150 -14.71 15.53 25.72
C VAL B 150 -13.52 14.88 26.43
N GLN B 151 -13.02 15.54 27.48
CA GLN B 151 -11.88 15.03 28.26
C GLN B 151 -12.17 13.68 28.91
N HIS B 152 -13.41 13.49 29.38
CA HIS B 152 -13.77 12.31 30.16
C HIS B 152 -14.44 11.16 29.38
N PHE B 153 -14.87 11.42 28.14
CA PHE B 153 -15.52 10.38 27.35
C PHE B 153 -15.27 10.46 25.83
N PRO B 154 -15.53 11.62 25.24
CA PRO B 154 -15.44 11.78 23.79
C PRO B 154 -14.02 11.62 23.26
N HIS B 155 -13.03 11.95 24.09
CA HIS B 155 -11.62 11.74 23.75
C HIS B 155 -11.16 10.31 24.05
N PRO B 156 -11.35 9.82 25.29
CA PRO B 156 -10.85 8.49 25.64
C PRO B 156 -11.36 7.33 24.78
N LEU B 157 -12.66 7.30 24.48
CA LEU B 157 -13.26 6.18 23.74
C LEU B 157 -12.61 5.90 22.36
N PRO B 158 -12.67 6.85 21.41
CA PRO B 158 -12.05 6.59 20.12
C PRO B 158 -10.53 6.47 20.19
N ALA B 159 -9.91 7.09 21.21
CA ALA B 159 -8.48 6.95 21.45
C ALA B 159 -8.11 5.53 21.85
N LEU B 160 -8.87 4.98 22.80
CA LEU B 160 -8.68 3.60 23.27
C LEU B 160 -8.97 2.59 22.16
N VAL B 161 -10.04 2.84 21.40
CA VAL B 161 -10.42 1.97 20.29
C VAL B 161 -9.34 1.92 19.21
N MET B 162 -8.80 3.09 18.85
CA MET B 162 -7.70 3.17 17.87
C MET B 162 -6.46 2.44 18.35
N CYS B 163 -6.15 2.56 19.63
CA CYS B 163 -5.03 1.83 20.24
C CYS B 163 -5.18 0.32 20.06
N GLN B 164 -6.40 -0.18 20.26
CA GLN B 164 -6.71 -1.60 20.11
C GLN B 164 -6.56 -2.12 18.67
N LEU B 165 -6.97 -1.30 17.70
CA LEU B 165 -6.87 -1.71 16.29
C LEU B 165 -5.48 -1.50 15.71
N LEU B 166 -4.81 -0.43 16.14
CA LEU B 166 -3.47 -0.11 15.64
C LEU B 166 -2.36 -0.78 16.46
N GLY B 167 -2.75 -1.40 17.58
CA GLY B 167 -1.83 -2.21 18.38
C GLY B 167 -0.94 -1.45 19.33
N PHE B 168 -1.33 -0.22 19.66
CA PHE B 168 -0.62 0.55 20.68
C PHE B 168 -1.10 0.10 22.04
N PRO B 169 -0.24 0.18 23.08
CA PRO B 169 -0.69 -0.12 24.44
C PRO B 169 -1.88 0.75 24.85
N LEU B 170 -2.84 0.17 25.56
CA LEU B 170 -4.07 0.86 25.94
C LEU B 170 -3.84 2.05 26.88
N GLU B 171 -2.79 1.98 27.69
CA GLU B 171 -2.45 3.06 28.63
C GLU B 171 -1.89 4.30 27.91
N ASP B 172 -1.60 4.15 26.63
CA ASP B 172 -1.11 5.26 25.81
C ASP B 172 -2.24 6.10 25.21
N TYR B 173 -3.48 5.69 25.45
CA TYR B 173 -4.66 6.31 24.82
C TYR B 173 -4.69 7.85 24.87
N ASP B 174 -4.34 8.42 26.03
CA ASP B 174 -4.33 9.88 26.21
C ASP B 174 -3.21 10.53 25.41
N THR B 175 -2.01 9.94 25.47
CA THR B 175 -0.87 10.37 24.66
C THR B 175 -1.20 10.30 23.16
N VAL B 176 -1.74 9.16 22.73
CA VAL B 176 -2.15 8.94 21.35
C VAL B 176 -3.24 9.95 20.93
N GLY B 177 -4.19 10.18 21.83
CA GLY B 177 -5.25 11.17 21.61
C GLY B 177 -4.69 12.57 21.45
N ARG B 178 -3.72 12.92 22.29
CA ARG B 178 -3.07 14.24 22.23
C ARG B 178 -2.28 14.44 20.95
N LEU B 179 -1.70 13.36 20.41
CA LEU B 179 -0.97 13.41 19.15
C LEU B 179 -1.83 14.01 18.04
N SER B 180 -3.06 13.51 17.90
CA SER B 180 -3.99 14.01 16.88
C SER B 180 -4.48 15.42 17.21
N ILE B 181 -4.86 15.65 18.47
CA ILE B 181 -5.29 16.97 18.94
C ILE B 181 -4.27 18.04 18.57
N GLU B 182 -3.00 17.77 18.83
CA GLU B 182 -1.94 18.75 18.70
C GLU B 182 -1.42 18.92 17.27
N THR B 183 -1.97 18.13 16.33
CA THR B 183 -1.72 18.34 14.90
C THR B 183 -3.04 18.64 14.20
N ASN B 184 -3.49 19.88 14.35
CA ASN B 184 -4.73 20.34 13.74
C ASN B 184 -4.51 20.65 12.26
N LEU B 185 -4.79 19.64 11.42
CA LEU B 185 -4.64 19.76 9.97
C LEU B 185 -5.48 20.87 9.35
N GLY B 186 -6.68 21.09 9.91
CA GLY B 186 -7.58 22.15 9.46
C GLY B 186 -6.92 23.53 9.37
N LEU B 187 -6.12 23.87 10.39
CA LEU B 187 -5.40 25.15 10.45
C LEU B 187 -4.36 25.29 9.34
N ALA B 188 -3.91 24.16 8.81
CA ALA B 188 -2.88 24.13 7.76
C ALA B 188 -3.45 24.44 6.38
N LEU B 189 -4.77 24.44 6.26
CA LEU B 189 -5.43 24.83 5.02
C LEU B 189 -5.46 26.35 4.89
N SER B 190 -4.26 26.93 4.81
CA SER B 190 -4.05 28.37 4.76
C SER B 190 -2.64 28.64 4.25
N ASN B 191 -2.38 29.88 3.81
CA ASN B 191 -1.07 30.26 3.30
C ASN B 191 -0.13 30.82 4.37
N ASP B 192 -0.62 30.90 5.60
CA ASP B 192 0.15 31.46 6.72
C ASP B 192 1.22 30.47 7.20
N GLN B 193 2.46 30.94 7.20
CA GLN B 193 3.61 30.14 7.58
C GLN B 193 3.82 30.12 9.10
N ASP B 194 3.16 31.04 9.80
CA ASP B 194 3.27 31.16 11.25
C ASP B 194 2.35 30.17 11.97
N ILE B 195 1.12 30.03 11.48
CA ILE B 195 0.16 29.06 12.02
C ILE B 195 0.65 27.63 11.77
N LEU B 196 1.35 27.45 10.65
CA LEU B 196 1.87 26.15 10.21
C LEU B 196 2.89 25.55 11.18
N VAL B 197 3.71 26.41 11.79
CA VAL B 197 4.79 25.97 12.69
C VAL B 197 4.29 24.97 13.75
N LYS B 198 3.19 25.29 14.42
CA LYS B 198 2.61 24.42 15.45
C LYS B 198 2.02 23.13 14.88
N VAL B 199 1.49 23.21 13.66
CA VAL B 199 0.92 22.03 12.99
C VAL B 199 2.03 21.10 12.50
N GLU B 200 3.09 21.70 11.97
CA GLU B 200 4.32 20.98 11.57
C GLU B 200 5.02 20.38 12.79
N GLN B 201 4.91 21.08 13.92
CA GLN B 201 5.45 20.64 15.21
C GLN B 201 4.78 19.34 15.66
N GLY B 202 3.46 19.35 15.71
CA GLY B 202 2.68 18.19 16.15
C GLY B 202 2.80 16.98 15.23
N LEU B 203 2.69 17.23 13.93
CA LEU B 203 2.84 16.20 12.90
C LEU B 203 4.16 15.44 13.06
N GLY B 204 5.21 16.19 13.39
CA GLY B 204 6.53 15.60 13.68
C GLY B 204 6.52 14.72 14.91
N ARG B 205 5.82 15.17 15.96
CA ARG B 205 5.69 14.39 17.20
C ARG B 205 4.82 13.14 17.03
N MET B 206 3.84 13.23 16.14
CA MET B 206 2.97 12.10 15.85
C MET B 206 3.72 10.99 15.12
N PHE B 207 4.56 11.39 14.15
CA PHE B 207 5.38 10.43 13.43
C PHE B 207 6.43 9.77 14.32
N ASP B 208 6.95 10.52 15.30
CA ASP B 208 7.90 10.00 16.29
C ASP B 208 7.35 8.78 17.01
N TYR B 209 6.10 8.88 17.46
CA TYR B 209 5.43 7.80 18.18
C TYR B 209 5.06 6.65 17.23
N LEU B 210 4.58 7.00 16.04
CA LEU B 210 4.13 6.02 15.07
C LEU B 210 5.28 5.23 14.45
N VAL B 211 6.35 5.92 14.07
CA VAL B 211 7.55 5.28 13.52
C VAL B 211 8.13 4.30 14.54
N ALA B 212 8.16 4.71 15.81
CA ALA B 212 8.61 3.83 16.90
C ALA B 212 7.73 2.59 17.00
N ALA B 213 6.42 2.77 16.87
CA ALA B 213 5.46 1.66 16.86
C ALA B 213 5.61 0.78 15.62
N ILE B 214 5.91 1.41 14.48
CA ILE B 214 6.15 0.69 13.23
C ILE B 214 7.43 -0.14 13.30
N GLU B 215 8.50 0.45 13.83
CA GLU B 215 9.79 -0.25 13.97
C GLU B 215 9.70 -1.44 14.93
N LYS B 216 8.85 -1.32 15.95
CA LYS B 216 8.59 -2.40 16.90
C LYS B 216 7.93 -3.60 16.24
N ARG B 217 7.01 -3.35 15.32
CA ARG B 217 6.25 -4.43 14.67
C ARG B 217 7.01 -5.12 13.55
N LYS B 218 8.01 -4.43 12.99
CA LYS B 218 8.89 -5.01 11.97
C LYS B 218 9.67 -6.22 12.49
N VAL B 219 9.95 -6.21 13.79
CA VAL B 219 10.70 -7.29 14.43
C VAL B 219 9.83 -8.13 15.38
N GLU B 220 8.63 -7.64 15.69
CA GLU B 220 7.74 -8.28 16.66
C GLU B 220 6.27 -8.07 16.29
N PRO B 221 5.77 -8.82 15.29
CA PRO B 221 4.42 -8.60 14.76
C PRO B 221 3.32 -9.16 15.66
N GLY B 222 2.15 -8.51 15.63
CA GLY B 222 0.98 -8.94 16.39
C GLY B 222 -0.26 -9.09 15.52
N ASP B 223 -1.43 -9.02 16.15
CA ASP B 223 -2.72 -9.19 15.47
C ASP B 223 -3.23 -7.88 14.85
N ASP B 224 -2.68 -6.76 15.32
CA ASP B 224 -3.15 -5.41 15.00
C ASP B 224 -2.91 -4.99 13.54
N LEU B 225 -3.55 -3.89 13.16
CA LEU B 225 -3.47 -3.33 11.81
C LEU B 225 -2.07 -2.81 11.46
N THR B 226 -1.38 -2.21 12.42
CA THR B 226 -0.02 -1.73 12.18
C THR B 226 0.86 -2.88 11.69
N SER B 227 0.70 -4.06 12.31
CA SER B 227 1.38 -5.28 11.89
C SER B 227 0.96 -5.72 10.50
N ASP B 228 -0.33 -5.59 10.19
CA ASP B 228 -0.87 -5.95 8.88
C ASP B 228 -0.21 -5.11 7.78
N ILE B 229 -0.12 -3.81 8.01
CA ILE B 229 0.50 -2.88 7.05
C ILE B 229 2.01 -3.11 6.97
N VAL B 230 2.61 -3.52 8.09
CA VAL B 230 4.02 -3.90 8.12
C VAL B 230 4.27 -5.16 7.28
N ARG B 231 3.33 -6.10 7.32
CA ARG B 231 3.40 -7.32 6.50
C ARG B 231 3.30 -7.03 5.01
N ALA B 232 2.49 -6.04 4.65
CA ALA B 232 2.37 -5.60 3.27
C ALA B 232 3.66 -4.91 2.81
N PHE B 233 4.33 -4.25 3.76
CA PHE B 233 5.62 -3.61 3.52
C PHE B 233 6.73 -4.64 3.23
N HIS B 234 6.71 -5.73 3.99
CA HIS B 234 7.66 -6.83 3.79
C HIS B 234 7.45 -7.56 2.46
N ASP B 235 6.25 -7.41 1.89
CA ASP B 235 5.93 -7.94 0.56
C ASP B 235 6.13 -6.88 -0.53
N GLY B 236 6.68 -5.73 -0.13
CA GLY B 236 6.98 -4.62 -1.04
C GLY B 236 5.79 -4.06 -1.82
N VAL B 237 4.63 -3.98 -1.17
CA VAL B 237 3.42 -3.43 -1.79
C VAL B 237 3.38 -1.91 -1.59
N LEU B 238 3.94 -1.46 -0.47
CA LEU B 238 4.08 -0.03 -0.19
C LEU B 238 5.47 0.24 0.39
N ASP B 239 5.93 1.49 0.34
CA ASP B 239 7.24 1.84 0.90
C ASP B 239 7.16 2.38 2.34
N ASP B 240 8.32 2.70 2.91
CA ASP B 240 8.45 3.19 4.28
C ASP B 240 7.62 4.45 4.52
N TYR B 241 7.64 5.35 3.52
CA TYR B 241 6.92 6.62 3.58
C TYR B 241 5.40 6.41 3.61
N GLU B 242 4.88 5.61 2.69
CA GLU B 242 3.46 5.29 2.64
C GLU B 242 3.00 4.58 3.90
N LEU B 243 3.90 3.78 4.48
CA LEU B 243 3.62 3.02 5.70
C LEU B 243 3.21 3.93 6.85
N ARG B 244 4.08 4.87 7.20
CA ARG B 244 3.82 5.80 8.30
C ARG B 244 2.70 6.79 7.99
N THR B 245 2.59 7.17 6.72
CA THR B 245 1.53 8.07 6.26
C THR B 245 0.16 7.40 6.37
N LEU B 246 0.12 6.09 6.13
CA LEU B 246 -1.13 5.33 6.19
C LEU B 246 -1.61 5.10 7.62
N VAL B 247 -0.67 4.77 8.53
CA VAL B 247 -0.99 4.58 9.93
C VAL B 247 -1.48 5.89 10.56
N ALA B 248 -0.83 7.00 10.17
CA ALA B 248 -1.22 8.34 10.60
C ALA B 248 -2.62 8.70 10.10
N THR B 249 -2.91 8.34 8.84
CA THR B 249 -4.20 8.58 8.22
C THR B 249 -5.33 7.95 9.05
N VAL B 250 -5.19 6.65 9.33
CA VAL B 250 -6.19 5.89 10.07
C VAL B 250 -6.42 6.44 11.48
N LEU B 251 -5.32 6.75 12.17
CA LEU B 251 -5.38 7.34 13.51
C LEU B 251 -6.19 8.63 13.54
N VAL B 252 -5.83 9.59 12.68
CA VAL B 252 -6.50 10.89 12.62
C VAL B 252 -7.96 10.76 12.19
N ALA B 253 -8.19 10.06 11.08
CA ALA B 253 -9.54 9.84 10.56
C ALA B 253 -10.45 9.11 11.56
N GLY B 254 -9.86 8.24 12.37
CA GLY B 254 -10.60 7.49 13.37
C GLY B 254 -10.86 8.23 14.67
N TYR B 255 -9.98 9.17 15.00
CA TYR B 255 -10.06 9.87 16.28
C TYR B 255 -10.90 11.15 16.28
N GLU B 256 -10.55 12.08 15.39
CA GLU B 256 -11.14 13.42 15.40
C GLU B 256 -12.65 13.43 15.16
N THR B 257 -13.08 12.71 14.12
CA THR B 257 -14.48 12.65 13.73
C THR B 257 -15.35 11.99 14.79
N THR B 258 -14.94 10.81 15.24
CA THR B 258 -15.66 10.05 16.27
C THR B 258 -15.76 10.86 17.57
N ASN B 259 -14.64 11.44 17.98
CA ASN B 259 -14.58 12.34 19.15
C ASN B 259 -15.67 13.42 19.10
N HIS B 260 -15.64 14.23 18.06
CA HIS B 260 -16.58 15.35 17.93
C HIS B 260 -18.03 14.91 17.71
N GLN B 261 -18.21 13.77 17.04
CA GLN B 261 -19.55 13.20 16.84
C GLN B 261 -20.17 12.71 18.15
N LEU B 262 -19.33 12.22 19.06
CA LEU B 262 -19.77 11.85 20.40
C LEU B 262 -20.17 13.09 21.20
N ALA B 263 -19.41 14.17 21.03
CA ALA B 263 -19.71 15.45 21.67
C ALA B 263 -20.99 16.06 21.09
N LEU B 264 -21.15 15.98 19.77
CA LEU B 264 -22.34 16.48 19.09
C LEU B 264 -23.59 15.69 19.46
N ALA B 265 -23.41 14.40 19.77
CA ALA B 265 -24.51 13.56 20.22
C ALA B 265 -25.09 14.06 21.55
N MET B 266 -24.21 14.36 22.50
CA MET B 266 -24.62 14.85 23.82
C MET B 266 -25.26 16.23 23.75
N TYR B 267 -24.74 17.08 22.87
CA TYR B 267 -25.30 18.40 22.61
C TYR B 267 -26.75 18.28 22.13
N ASP B 268 -26.98 17.38 21.17
CA ASP B 268 -28.31 17.14 20.61
C ASP B 268 -29.32 16.69 21.66
N PHE B 269 -28.90 15.75 22.52
CA PHE B 269 -29.77 15.21 23.56
C PHE B 269 -29.95 16.16 24.75
N ALA B 270 -29.07 17.16 24.87
CA ALA B 270 -29.23 18.20 25.89
C ALA B 270 -30.29 19.22 25.45
N GLN B 271 -30.45 19.36 24.14
CA GLN B 271 -31.50 20.20 23.57
C GLN B 271 -32.84 19.46 23.56
N HIS B 272 -32.78 18.13 23.49
CA HIS B 272 -33.98 17.30 23.43
C HIS B 272 -33.92 16.10 24.38
N PRO B 273 -34.04 16.35 25.71
CA PRO B 273 -33.91 15.30 26.73
C PRO B 273 -35.03 14.25 26.73
N ASP B 274 -36.16 14.57 26.10
CA ASP B 274 -37.27 13.61 25.93
C ASP B 274 -36.87 12.44 25.03
N GLN B 275 -35.92 12.69 24.13
CA GLN B 275 -35.41 11.66 23.22
C GLN B 275 -34.48 10.70 23.97
N TRP B 276 -33.85 11.22 25.01
CA TRP B 276 -32.94 10.45 25.87
C TRP B 276 -33.72 9.44 26.71
N MET B 277 -34.87 9.87 27.22
CA MET B 277 -35.72 9.02 28.05
C MET B 277 -36.34 7.88 27.25
N LYS B 278 -36.66 8.15 25.99
CA LYS B 278 -37.18 7.14 25.07
C LYS B 278 -36.19 5.99 24.87
N ILE B 279 -34.91 6.33 24.78
CA ILE B 279 -33.84 5.31 24.68
C ILE B 279 -33.67 4.55 25.99
N LYS B 280 -33.80 5.26 27.11
CA LYS B 280 -33.71 4.63 28.43
C LYS B 280 -34.77 3.54 28.60
N GLU B 281 -35.99 3.83 28.15
CA GLU B 281 -37.12 2.92 28.25
C GLU B 281 -37.02 1.78 27.24
N ASN B 282 -36.40 2.04 26.09
CA ASN B 282 -36.11 1.02 25.08
C ASN B 282 -34.74 1.25 24.44
N PRO B 283 -33.71 0.53 24.93
CA PRO B 283 -32.33 0.63 24.45
C PRO B 283 -32.18 0.31 22.97
N GLU B 284 -33.07 -0.54 22.44
CA GLU B 284 -33.01 -0.98 21.04
C GLU B 284 -33.15 0.18 20.03
N LEU B 285 -33.52 1.36 20.51
CA LEU B 285 -33.64 2.56 19.68
C LEU B 285 -32.31 3.24 19.36
N ALA B 286 -31.25 2.85 20.08
CA ALA B 286 -29.94 3.47 19.96
C ALA B 286 -29.43 3.66 18.52
N PRO B 287 -29.50 2.61 17.66
CA PRO B 287 -29.06 2.78 16.28
C PRO B 287 -29.83 3.88 15.53
N GLN B 288 -31.15 3.88 15.66
CA GLN B 288 -31.99 4.95 15.08
C GLN B 288 -31.61 6.33 15.62
N ALA B 289 -31.34 6.40 16.92
CA ALA B 289 -30.96 7.65 17.58
C ALA B 289 -29.59 8.14 17.10
N VAL B 290 -28.69 7.19 16.85
CA VAL B 290 -27.36 7.48 16.29
C VAL B 290 -27.49 7.99 14.86
N GLU B 291 -28.40 7.38 14.11
CA GLU B 291 -28.66 7.78 12.73
C GLU B 291 -29.28 9.17 12.64
N GLU B 292 -30.04 9.55 13.67
CA GLU B 292 -30.65 10.87 13.74
C GLU B 292 -29.64 11.95 14.17
N VAL B 293 -28.73 11.60 15.08
CA VAL B 293 -27.63 12.48 15.47
C VAL B 293 -26.76 12.81 14.24
N LEU B 294 -26.44 11.79 13.46
CA LEU B 294 -25.66 11.95 12.23
C LEU B 294 -26.40 12.78 11.18
N ARG B 295 -27.73 12.66 11.16
CA ARG B 295 -28.56 13.48 10.27
C ARG B 295 -28.60 14.92 10.75
N TRP B 296 -29.09 15.11 11.97
CA TRP B 296 -29.21 16.44 12.58
C TRP B 296 -27.89 17.19 12.64
N SER B 297 -26.82 16.50 13.03
CA SER B 297 -25.53 17.15 13.24
C SER B 297 -24.35 16.27 12.84
N PRO B 298 -24.08 16.18 11.53
CA PRO B 298 -22.89 15.45 11.09
C PRO B 298 -21.62 16.23 11.42
N THR B 299 -20.61 15.53 11.92
CA THR B 299 -19.35 16.17 12.35
C THR B 299 -18.57 16.76 11.17
N LEU B 300 -18.82 16.22 9.98
CA LEU B 300 -18.33 16.82 8.75
C LEU B 300 -19.52 17.36 7.95
N PRO B 301 -19.90 18.64 8.19
CA PRO B 301 -20.99 19.24 7.41
C PRO B 301 -20.74 19.10 5.92
N VAL B 302 -19.51 19.37 5.49
CA VAL B 302 -19.05 19.03 4.15
C VAL B 302 -18.31 17.69 4.25
N THR B 303 -18.82 16.69 3.53
CA THR B 303 -18.29 15.34 3.64
C THR B 303 -17.31 15.00 2.53
N ALA B 304 -17.79 15.02 1.30
CA ALA B 304 -16.98 14.62 0.15
C ALA B 304 -16.52 15.84 -0.64
N THR B 305 -15.20 16.03 -0.70
CA THR B 305 -14.60 17.03 -1.56
C THR B 305 -14.15 16.36 -2.85
N ARG B 306 -14.67 16.83 -3.98
CA ARG B 306 -14.37 16.23 -5.28
C ARG B 306 -13.90 17.28 -6.29
N VAL B 307 -13.28 16.79 -7.37
CA VAL B 307 -12.90 17.62 -8.50
C VAL B 307 -13.31 16.89 -9.78
N ALA B 308 -13.90 17.63 -10.72
CA ALA B 308 -14.28 17.08 -12.02
C ALA B 308 -13.05 16.63 -12.80
N ALA B 309 -13.05 15.36 -13.23
CA ALA B 309 -11.94 14.79 -13.99
C ALA B 309 -12.15 14.96 -15.49
N GLU B 310 -13.38 15.32 -15.86
CA GLU B 310 -13.74 15.54 -17.26
C GLU B 310 -14.90 16.53 -17.33
N ASP B 311 -15.20 17.02 -18.54
CA ASP B 311 -16.36 17.89 -18.75
C ASP B 311 -17.65 17.05 -18.69
N PHE B 312 -18.61 17.49 -17.87
CA PHE B 312 -19.92 16.85 -17.80
C PHE B 312 -21.02 17.82 -17.37
N GLU B 313 -22.27 17.37 -17.50
CA GLU B 313 -23.43 18.20 -17.20
C GLU B 313 -24.41 17.48 -16.27
N VAL B 314 -24.81 18.16 -15.20
CA VAL B 314 -25.82 17.66 -14.27
C VAL B 314 -26.88 18.74 -14.07
N ASN B 315 -28.14 18.39 -14.31
CA ASN B 315 -29.30 19.31 -14.17
C ASN B 315 -29.13 20.63 -14.91
N GLY B 316 -28.49 20.59 -16.08
CA GLY B 316 -28.27 21.77 -16.90
C GLY B 316 -27.03 22.57 -16.53
N VAL B 317 -26.52 22.37 -15.31
CA VAL B 317 -25.33 23.06 -14.82
C VAL B 317 -24.07 22.41 -15.42
N ARG B 318 -23.38 23.17 -16.26
CA ARG B 318 -22.17 22.69 -16.92
C ARG B 318 -20.98 22.72 -15.97
N ILE B 319 -20.35 21.57 -15.79
CA ILE B 319 -19.20 21.42 -14.88
C ILE B 319 -17.95 20.98 -15.66
N PRO B 320 -17.08 21.94 -16.01
CA PRO B 320 -15.85 21.65 -16.74
C PRO B 320 -14.80 20.93 -15.89
N THR B 321 -13.80 20.35 -16.55
CA THR B 321 -12.68 19.69 -15.88
C THR B 321 -11.98 20.67 -14.94
N GLY B 322 -11.68 20.21 -13.73
CA GLY B 322 -10.95 21.02 -12.76
C GLY B 322 -11.84 21.79 -11.80
N THR B 323 -13.14 21.71 -12.01
CA THR B 323 -14.12 22.34 -11.12
C THR B 323 -14.23 21.53 -9.82
N PRO B 324 -13.92 22.18 -8.69
CA PRO B 324 -14.11 21.51 -7.40
C PRO B 324 -15.59 21.45 -7.03
N VAL B 325 -16.03 20.28 -6.56
CA VAL B 325 -17.43 20.04 -6.20
C VAL B 325 -17.48 19.40 -4.81
N PHE B 326 -18.08 20.11 -3.85
CA PHE B 326 -18.15 19.65 -2.47
C PHE B 326 -19.57 19.22 -2.12
N MET B 327 -19.70 18.09 -1.43
CA MET B 327 -21.01 17.61 -1.00
C MET B 327 -21.30 18.13 0.40
N CYS B 328 -22.43 18.83 0.54
CA CYS B 328 -22.82 19.37 1.83
C CYS B 328 -23.85 18.46 2.48
N ALA B 329 -23.36 17.54 3.31
CA ALA B 329 -24.23 16.60 4.00
C ALA B 329 -25.19 17.29 4.97
N HIS B 330 -24.69 18.26 5.73
CA HIS B 330 -25.52 18.92 6.74
C HIS B 330 -26.80 19.53 6.18
N VAL B 331 -26.67 20.23 5.06
CA VAL B 331 -27.81 20.86 4.40
C VAL B 331 -28.68 19.81 3.70
N ALA B 332 -28.03 18.85 3.06
CA ALA B 332 -28.71 17.72 2.41
C ALA B 332 -29.49 16.85 3.42
N HIS B 333 -29.03 16.85 4.67
CA HIS B 333 -29.69 16.13 5.75
C HIS B 333 -30.97 16.82 6.21
N ARG B 334 -31.10 18.10 5.87
CA ARG B 334 -32.30 18.89 6.18
C ARG B 334 -33.18 19.09 4.95
N ASP B 335 -32.89 18.34 3.88
CA ASP B 335 -33.65 18.37 2.65
C ASP B 335 -35.01 17.68 2.86
N PRO B 336 -36.12 18.44 2.77
CA PRO B 336 -37.43 17.87 3.04
C PRO B 336 -38.04 17.10 1.87
N ARG B 337 -37.31 17.00 0.76
CA ARG B 337 -37.70 16.14 -0.37
C ARG B 337 -37.46 14.66 -0.01
N VAL B 338 -36.65 14.46 1.03
CA VAL B 338 -36.20 13.14 1.44
C VAL B 338 -36.55 12.87 2.90
N PHE B 339 -36.35 13.87 3.76
CA PHE B 339 -36.56 13.71 5.21
C PHE B 339 -37.81 14.40 5.74
N ALA B 340 -38.68 13.62 6.36
CA ALA B 340 -39.93 14.11 6.94
C ALA B 340 -39.65 15.01 8.14
N ASP B 341 -40.36 16.15 8.20
CA ASP B 341 -40.18 17.15 9.26
C ASP B 341 -38.69 17.40 9.54
N ALA B 342 -37.97 17.75 8.48
CA ALA B 342 -36.50 17.74 8.46
C ALA B 342 -35.80 18.58 9.54
N ASP B 343 -36.44 19.66 9.96
CA ASP B 343 -35.86 20.53 10.99
C ASP B 343 -36.44 20.26 12.38
N ARG B 344 -36.80 19.00 12.62
CA ARG B 344 -37.19 18.53 13.94
C ARG B 344 -36.36 17.32 14.32
N PHE B 345 -35.74 17.39 15.50
CA PHE B 345 -34.96 16.28 16.02
C PHE B 345 -35.91 15.21 16.54
N ASP B 346 -35.92 14.06 15.87
CA ASP B 346 -36.85 12.98 16.14
C ASP B 346 -36.20 11.63 15.85
N ILE B 347 -35.98 10.85 16.89
CA ILE B 347 -35.27 9.57 16.77
C ILE B 347 -36.20 8.39 16.42
N THR B 348 -37.51 8.60 16.55
CA THR B 348 -38.47 7.51 16.40
C THR B 348 -39.01 7.31 14.98
N VAL B 349 -38.92 8.34 14.15
CA VAL B 349 -39.41 8.27 12.77
C VAL B 349 -38.58 7.35 11.88
N LYS B 350 -39.26 6.38 11.28
CA LYS B 350 -38.62 5.44 10.36
C LYS B 350 -38.28 6.16 9.05
N ARG B 351 -36.98 6.31 8.80
CA ARG B 351 -36.48 6.96 7.59
C ARG B 351 -36.23 5.92 6.51
N GLU B 352 -36.59 6.23 5.27
CA GLU B 352 -36.32 5.35 4.14
C GLU B 352 -34.90 5.55 3.63
N ALA B 353 -34.47 6.80 3.58
CA ALA B 353 -33.11 7.15 3.18
C ALA B 353 -32.21 7.32 4.40
N PRO B 354 -30.99 6.77 4.36
CA PRO B 354 -30.05 6.87 5.48
C PRO B 354 -29.35 8.23 5.52
N SER B 355 -28.69 8.51 6.64
CA SER B 355 -27.78 9.65 6.71
C SER B 355 -26.61 9.40 5.78
N ILE B 356 -26.10 10.46 5.16
CA ILE B 356 -24.92 10.36 4.31
C ILE B 356 -23.71 11.05 4.95
N ALA B 357 -23.55 10.84 6.26
CA ALA B 357 -22.48 11.48 7.04
C ALA B 357 -21.08 10.94 6.74
N PHE B 358 -21.00 9.86 5.98
CA PHE B 358 -19.73 9.15 5.76
C PHE B 358 -19.21 9.26 4.33
N GLY B 359 -19.81 10.15 3.54
CA GLY B 359 -19.41 10.33 2.14
C GLY B 359 -19.92 9.21 1.26
N GLY B 360 -19.11 8.82 0.29
CA GLY B 360 -19.47 7.76 -0.66
C GLY B 360 -18.42 7.51 -1.72
N GLY B 361 -18.65 6.48 -2.55
CA GLY B 361 -17.73 6.11 -3.61
C GLY B 361 -16.53 5.36 -3.09
N PRO B 362 -15.44 5.30 -3.89
CA PRO B 362 -14.21 4.60 -3.49
C PRO B 362 -13.59 5.12 -2.18
N HIS B 363 -13.82 6.39 -1.88
CA HIS B 363 -13.29 7.03 -0.67
C HIS B 363 -14.21 6.94 0.54
N PHE B 364 -15.40 6.38 0.34
CA PHE B 364 -16.39 6.16 1.42
C PHE B 364 -15.71 5.78 2.72
N CYS B 365 -16.04 6.50 3.79
CA CYS B 365 -15.39 6.33 5.09
C CYS B 365 -15.07 4.88 5.43
N LEU B 366 -13.80 4.63 5.76
CA LEU B 366 -13.33 3.28 6.06
C LEU B 366 -13.92 2.75 7.37
N GLY B 367 -14.06 3.64 8.35
CA GLY B 367 -14.53 3.23 9.68
C GLY B 367 -16.01 3.39 9.93
N THR B 368 -16.81 3.46 8.86
CA THR B 368 -18.26 3.67 8.99
C THR B 368 -18.90 2.71 10.00
N ALA B 369 -18.62 1.43 9.87
CA ALA B 369 -19.15 0.40 10.76
C ALA B 369 -18.63 0.54 12.20
N LEU B 370 -17.35 0.87 12.35
CA LEU B 370 -16.75 1.05 13.67
C LEU B 370 -17.28 2.31 14.36
N ALA B 371 -17.37 3.39 13.57
CA ALA B 371 -17.94 4.65 14.03
C ALA B 371 -19.37 4.47 14.53
N ARG B 372 -20.20 3.79 13.74
CA ARG B 372 -21.57 3.48 14.14
C ARG B 372 -21.63 2.61 15.38
N LEU B 373 -20.72 1.63 15.47
CA LEU B 373 -20.62 0.78 16.64
C LEU B 373 -20.31 1.60 17.90
N GLU B 374 -19.29 2.46 17.82
CA GLU B 374 -18.87 3.29 18.95
C GLU B 374 -19.98 4.23 19.41
N LEU B 375 -20.66 4.85 18.46
CA LEU B 375 -21.74 5.78 18.75
C LEU B 375 -22.93 5.06 19.40
N THR B 376 -23.31 3.92 18.83
CA THR B 376 -24.43 3.13 19.32
C THR B 376 -24.19 2.62 20.73
N GLU B 377 -23.01 2.03 20.94
CA GLU B 377 -22.64 1.47 22.25
C GLU B 377 -22.58 2.54 23.34
N ALA B 378 -22.09 3.72 22.97
CA ALA B 378 -22.03 4.85 23.89
C ALA B 378 -23.44 5.35 24.24
N VAL B 379 -24.24 5.65 23.22
CA VAL B 379 -25.58 6.18 23.42
C VAL B 379 -26.50 5.19 24.15
N ALA B 380 -26.42 3.92 23.77
CA ALA B 380 -27.20 2.86 24.42
C ALA B 380 -26.90 2.75 25.92
N ALA B 381 -25.61 2.73 26.25
CA ALA B 381 -25.19 2.56 27.64
C ALA B 381 -25.40 3.81 28.48
N LEU B 382 -25.05 4.97 27.92
CA LEU B 382 -25.24 6.24 28.63
C LEU B 382 -26.71 6.51 28.96
N ALA B 383 -27.59 6.21 28.00
CA ALA B 383 -29.03 6.42 28.19
C ALA B 383 -29.66 5.44 29.17
N THR B 384 -29.18 4.20 29.18
CA THR B 384 -29.68 3.16 30.09
C THR B 384 -29.30 3.42 31.54
N ARG B 385 -28.15 4.07 31.74
CA ARG B 385 -27.57 4.23 33.07
C ARG B 385 -27.70 5.63 33.66
N LEU B 386 -27.62 6.64 32.79
CA LEU B 386 -27.58 8.03 33.25
C LEU B 386 -28.82 8.84 32.86
N ASP B 387 -29.09 9.87 33.65
CA ASP B 387 -30.16 10.83 33.38
C ASP B 387 -29.82 11.69 32.16
N PRO B 388 -30.83 12.38 31.58
CA PRO B 388 -30.60 13.29 30.46
C PRO B 388 -29.45 14.27 30.69
N PRO B 389 -28.61 14.50 29.66
CA PRO B 389 -27.47 15.40 29.78
C PRO B 389 -27.87 16.87 29.75
N GLN B 390 -27.12 17.70 30.46
CA GLN B 390 -27.38 19.14 30.54
C GLN B 390 -26.08 19.90 30.34
N ILE B 391 -26.12 20.93 29.51
CA ILE B 391 -24.96 21.80 29.24
C ILE B 391 -24.63 22.61 30.49
N ALA B 392 -23.33 22.70 30.82
CA ALA B 392 -22.88 23.34 32.06
C ALA B 392 -22.21 24.69 31.88
N GLY B 393 -21.64 24.95 30.70
CA GLY B 393 -20.97 26.22 30.45
C GLY B 393 -20.58 26.52 29.01
N GLU B 394 -19.59 27.39 28.85
CA GLU B 394 -19.06 27.80 27.56
C GLU B 394 -18.54 26.63 26.74
N ILE B 395 -19.08 26.48 25.53
CA ILE B 395 -18.66 25.43 24.60
C ILE B 395 -17.58 25.96 23.67
N THR B 396 -16.43 25.30 23.65
CA THR B 396 -15.35 25.63 22.74
C THR B 396 -15.57 24.89 21.42
N TRP B 397 -15.93 25.65 20.38
CA TRP B 397 -16.23 25.09 19.06
C TRP B 397 -15.01 25.11 18.14
N ARG B 398 -15.00 24.19 17.17
CA ARG B 398 -14.03 24.22 16.08
C ARG B 398 -14.45 25.30 15.08
N HIS B 399 -13.51 26.18 14.73
CA HIS B 399 -13.77 27.25 13.77
C HIS B 399 -13.11 26.95 12.42
N GLU B 400 -12.47 25.79 12.32
CA GLU B 400 -11.68 25.44 11.14
C GLU B 400 -12.46 24.66 10.07
N LEU B 401 -11.86 24.57 8.89
CA LEU B 401 -12.37 23.75 7.81
C LEU B 401 -12.23 22.26 8.13
N GLY B 402 -13.29 21.50 7.88
CA GLY B 402 -13.29 20.07 8.13
C GLY B 402 -14.21 19.65 9.27
N VAL B 403 -13.63 19.07 10.31
CA VAL B 403 -14.37 18.55 11.45
C VAL B 403 -15.03 19.66 12.27
N ALA B 404 -16.34 19.52 12.47
CA ALA B 404 -17.12 20.46 13.27
C ALA B 404 -17.56 19.82 14.59
N GLY B 405 -17.71 20.66 15.62
CA GLY B 405 -18.16 20.20 16.92
C GLY B 405 -17.39 20.80 18.08
N PRO B 406 -17.81 20.50 19.32
CA PRO B 406 -17.14 20.99 20.52
C PRO B 406 -15.77 20.35 20.73
N ASP B 407 -14.76 21.20 20.91
CA ASP B 407 -13.43 20.75 21.34
C ASP B 407 -13.44 20.51 22.85
N ALA B 408 -14.41 21.14 23.52
CA ALA B 408 -14.63 21.01 24.95
C ALA B 408 -16.11 21.19 25.26
N LEU B 409 -16.70 20.21 25.94
CA LEU B 409 -18.12 20.23 26.27
C LEU B 409 -18.37 20.04 27.77
N PRO B 410 -18.49 21.17 28.52
CA PRO B 410 -18.82 21.09 29.94
C PRO B 410 -20.29 20.72 30.14
N LEU B 411 -20.53 19.59 30.78
CA LEU B 411 -21.90 19.12 31.01
C LEU B 411 -22.10 18.36 32.32
N ARG B 412 -23.37 18.05 32.62
CA ARG B 412 -23.73 17.21 33.76
C ARG B 412 -24.80 16.20 33.33
N PHE B 413 -24.90 15.11 34.09
CA PHE B 413 -26.00 14.17 33.91
C PHE B 413 -26.99 14.30 35.06
N GLY B 414 -27.76 15.40 35.03
CA GLY B 414 -28.72 15.77 36.08
C GLY B 414 -28.16 15.72 37.51
#